data_1M6W
#
_entry.id   1M6W
#
_cell.length_a   78.632
_cell.length_b   78.632
_cell.length_c   309.417
_cell.angle_alpha   90.00
_cell.angle_beta   90.00
_cell.angle_gamma   90.00
#
_symmetry.space_group_name_H-M   'P 43 21 2'
#
loop_
_entity.id
_entity.type
_entity.pdbx_description
1 polymer 'Glutathione-dependent formaldehyde dehydrogenase'
2 non-polymer 'ZINC ION'
3 non-polymer 'POTASSIUM ION'
4 non-polymer 'PHOSPHATE ION'
5 non-polymer '12-HYDROXYDODECANOIC ACID'
6 water water
#
_entity_poly.entity_id   1
_entity_poly.type   'polypeptide(L)'
_entity_poly.pdbx_seq_one_letter_code
;ANEVIKCKAAVAWEAGKPLSIEEIEVAPPKAHEVRIKIIATAVCHTDAYTLSGADPEGCFPVILGHEGAGIVESVGEGVT
KLKAGDTVIPLYIPQCGECKFCLNPKTNLCQKIRVTQGKGLMPDGTSRFTCKGKTILHYMGTSTFSEYTVVADISVAKID
PLAPLDKVCLLGCGISTGYGAAVNTAKLEPGSVCAVFGLGGVGLAVIMGCKVAGASRIIGVDINKDKFARAKEFGATECI
NPQDFSKPIQEVLIEMTDGGVDYSFECIGNVKVMRAALEACHKGWGVSVVVGVAASGEEIATRPFQLVTGRTWKGTAFGG
WKSVESVPKLVSEYMSKKIKVDEFVTHNLSFDEINKAFELMHSGKSIRTVVKI
;
_entity_poly.pdbx_strand_id   A,B
#
loop_
_chem_comp.id
_chem_comp.type
_chem_comp.name
_chem_comp.formula
12H non-polymer '12-HYDROXYDODECANOIC ACID' 'C12 H24 O3'
K non-polymer 'POTASSIUM ION' 'K 1'
PO4 non-polymer 'PHOSPHATE ION' 'O4 P -3'
ZN non-polymer 'ZINC ION' 'Zn 2'
#
# COMPACT_ATOMS: atom_id res chain seq x y z
N ALA A 1 10.25 29.69 -40.26
CA ALA A 1 11.60 29.12 -40.49
C ALA A 1 12.47 29.25 -39.23
N ASN A 2 12.50 28.20 -38.43
CA ASN A 2 13.29 28.21 -37.21
C ASN A 2 14.72 27.77 -37.53
N GLU A 3 15.68 28.53 -37.02
CA GLU A 3 17.09 28.25 -37.27
C GLU A 3 17.76 27.65 -36.05
N VAL A 4 19.01 27.23 -36.22
CA VAL A 4 19.77 26.68 -35.13
C VAL A 4 20.03 27.84 -34.17
N ILE A 5 20.03 27.58 -32.87
CA ILE A 5 20.27 28.63 -31.91
C ILE A 5 21.56 28.41 -31.15
N LYS A 6 22.43 29.42 -31.18
CA LYS A 6 23.69 29.38 -30.45
C LYS A 6 23.34 30.05 -29.12
N CYS A 7 23.55 29.36 -28.00
CA CYS A 7 23.25 29.95 -26.72
C CYS A 7 24.12 29.35 -25.64
N LYS A 8 23.91 29.79 -24.40
CA LYS A 8 24.68 29.30 -23.28
C LYS A 8 23.92 28.17 -22.57
N ALA A 9 24.65 27.22 -22.00
CA ALA A 9 24.04 26.12 -21.29
C ALA A 9 25.01 25.54 -20.27
N ALA A 10 24.47 24.91 -19.23
CA ALA A 10 25.31 24.29 -18.20
C ALA A 10 25.39 22.81 -18.54
N VAL A 11 26.52 22.41 -19.12
CA VAL A 11 26.73 21.02 -19.52
C VAL A 11 27.47 20.18 -18.51
N ALA A 12 26.94 18.97 -18.27
CA ALA A 12 27.57 18.02 -17.35
C ALA A 12 28.32 17.04 -18.24
N TRP A 13 29.59 17.34 -18.53
CA TRP A 13 30.41 16.48 -19.36
C TRP A 13 30.63 15.13 -18.72
N GLU A 14 30.73 15.11 -17.40
CA GLU A 14 30.95 13.87 -16.66
C GLU A 14 30.42 13.99 -15.25
N ALA A 15 30.37 12.87 -14.55
CA ALA A 15 29.86 12.85 -13.18
C ALA A 15 30.92 13.31 -12.19
N GLY A 16 30.47 13.72 -11.01
CA GLY A 16 31.38 14.16 -9.96
C GLY A 16 32.14 15.43 -10.25
N LYS A 17 31.77 16.12 -11.32
CA LYS A 17 32.44 17.37 -11.70
C LYS A 17 31.44 18.51 -11.80
N PRO A 18 31.89 19.74 -11.58
CA PRO A 18 31.03 20.92 -11.66
C PRO A 18 30.49 21.09 -13.08
N LEU A 19 29.29 21.65 -13.22
CA LEU A 19 28.72 21.87 -14.53
C LEU A 19 29.58 22.89 -15.26
N SER A 20 29.69 22.74 -16.57
CA SER A 20 30.49 23.64 -17.38
C SER A 20 29.63 24.57 -18.21
N ILE A 21 29.79 25.88 -18.01
CA ILE A 21 29.03 26.85 -18.80
C ILE A 21 29.63 26.83 -20.19
N GLU A 22 28.87 26.32 -21.15
CA GLU A 22 29.35 26.21 -22.52
C GLU A 22 28.46 26.94 -23.50
N GLU A 23 28.97 27.13 -24.70
CA GLU A 23 28.20 27.73 -25.78
C GLU A 23 27.78 26.49 -26.55
N ILE A 24 26.47 26.33 -26.75
CA ILE A 24 25.97 25.16 -27.45
C ILE A 24 25.06 25.52 -28.62
N GLU A 25 24.64 24.51 -29.36
CA GLU A 25 23.74 24.72 -30.47
C GLU A 25 22.46 23.96 -30.11
N VAL A 26 21.31 24.58 -30.38
CA VAL A 26 20.03 23.96 -30.08
C VAL A 26 19.26 23.89 -31.39
N ALA A 27 19.16 22.69 -31.96
CA ALA A 27 18.46 22.52 -33.23
C ALA A 27 17.02 23.01 -33.11
N PRO A 28 16.41 23.35 -34.26
CA PRO A 28 15.02 23.82 -34.25
C PRO A 28 14.09 22.66 -33.90
N PRO A 29 12.83 22.95 -33.54
CA PRO A 29 11.86 21.90 -33.18
C PRO A 29 11.43 21.06 -34.38
N LYS A 30 11.59 19.74 -34.26
CA LYS A 30 11.15 18.86 -35.34
C LYS A 30 9.64 18.70 -35.12
N ALA A 31 9.01 17.82 -35.89
CA ALA A 31 7.56 17.62 -35.74
C ALA A 31 7.19 17.33 -34.28
N HIS A 32 6.10 17.93 -33.83
CA HIS A 32 5.61 17.74 -32.47
C HIS A 32 6.60 17.99 -31.33
N GLU A 33 7.45 18.99 -31.53
CA GLU A 33 8.42 19.38 -30.52
C GLU A 33 8.25 20.88 -30.28
N VAL A 34 8.72 21.35 -29.13
CA VAL A 34 8.60 22.76 -28.78
C VAL A 34 9.92 23.29 -28.24
N ARG A 35 10.37 24.43 -28.76
CA ARG A 35 11.61 25.02 -28.27
C ARG A 35 11.23 26.13 -27.30
N ILE A 36 11.72 26.02 -26.08
CA ILE A 36 11.38 26.96 -25.03
C ILE A 36 12.56 27.81 -24.56
N LYS A 37 12.31 29.10 -24.37
CA LYS A 37 13.35 29.98 -23.86
C LYS A 37 13.19 29.91 -22.36
N ILE A 38 14.15 29.28 -21.68
CA ILE A 38 14.08 29.16 -20.25
C ILE A 38 14.40 30.52 -19.61
N ILE A 39 13.51 30.96 -18.73
CA ILE A 39 13.68 32.25 -18.05
C ILE A 39 14.23 32.03 -16.65
N ALA A 40 13.76 30.97 -16.00
CA ALA A 40 14.20 30.66 -14.65
C ALA A 40 14.19 29.15 -14.42
N THR A 41 15.15 28.69 -13.62
CA THR A 41 15.26 27.29 -13.32
C THR A 41 15.86 27.15 -11.94
N ALA A 42 15.63 26.01 -11.30
CA ALA A 42 16.15 25.75 -9.97
C ALA A 42 16.73 24.35 -9.92
N VAL A 43 17.46 24.06 -8.85
CA VAL A 43 18.09 22.76 -8.70
C VAL A 43 17.36 21.85 -7.70
N CYS A 44 17.04 20.64 -8.16
CA CYS A 44 16.35 19.65 -7.34
C CYS A 44 17.39 18.59 -6.94
N HIS A 45 17.20 17.94 -5.80
CA HIS A 45 18.14 16.92 -5.35
C HIS A 45 18.39 15.87 -6.44
N THR A 46 17.39 15.64 -7.26
CA THR A 46 17.51 14.66 -8.33
C THR A 46 18.58 15.07 -9.35
N ASP A 47 18.65 16.37 -9.65
CA ASP A 47 19.63 16.87 -10.59
C ASP A 47 21.02 16.59 -10.04
N ALA A 48 21.21 16.90 -8.76
CA ALA A 48 22.50 16.68 -8.09
C ALA A 48 22.81 15.19 -8.00
N TYR A 49 21.77 14.39 -7.76
CA TYR A 49 21.92 12.94 -7.66
C TYR A 49 22.51 12.36 -8.95
N THR A 50 22.01 12.82 -10.10
CA THR A 50 22.51 12.36 -11.38
C THR A 50 23.94 12.84 -11.59
N LEU A 51 24.17 14.10 -11.25
CA LEU A 51 25.49 14.71 -11.40
C LEU A 51 26.55 14.01 -10.56
N SER A 52 26.20 13.65 -9.34
CA SER A 52 27.13 12.98 -8.43
C SER A 52 27.64 11.69 -9.03
N GLY A 53 26.84 11.08 -9.90
CA GLY A 53 27.23 9.84 -10.53
C GLY A 53 26.69 8.63 -9.78
N ALA A 54 26.07 8.87 -8.63
CA ALA A 54 25.50 7.81 -7.81
C ALA A 54 24.28 7.18 -8.48
N ASP A 55 23.91 7.69 -9.65
CA ASP A 55 22.78 7.18 -10.38
C ASP A 55 23.24 6.14 -11.39
N PRO A 56 22.72 4.91 -11.29
CA PRO A 56 23.08 3.80 -12.18
C PRO A 56 22.84 4.14 -13.66
N GLU A 57 21.66 4.68 -13.96
CA GLU A 57 21.31 5.01 -15.33
C GLU A 57 21.62 6.45 -15.75
N GLY A 58 22.49 7.12 -14.98
CA GLY A 58 22.85 8.48 -15.32
C GLY A 58 23.83 8.48 -16.48
N CYS A 59 23.52 9.21 -17.54
CA CYS A 59 24.39 9.26 -18.70
C CYS A 59 24.92 10.66 -19.01
N PHE A 60 26.16 10.71 -19.50
CA PHE A 60 26.83 11.97 -19.82
C PHE A 60 27.40 11.92 -21.23
N PRO A 61 27.65 13.09 -21.85
CA PRO A 61 27.42 14.43 -21.33
C PRO A 61 25.92 14.72 -21.39
N VAL A 62 25.43 15.56 -20.48
CA VAL A 62 24.00 15.86 -20.46
C VAL A 62 23.68 17.25 -19.89
N ILE A 63 22.55 17.80 -20.30
CA ILE A 63 22.11 19.10 -19.80
C ILE A 63 21.01 18.80 -18.79
N LEU A 64 21.34 18.90 -17.51
CA LEU A 64 20.40 18.62 -16.43
C LEU A 64 19.33 19.69 -16.26
N GLY A 65 18.59 19.61 -15.14
CA GLY A 65 17.56 20.57 -14.84
C GLY A 65 16.16 20.19 -15.27
N HIS A 66 15.23 20.11 -14.31
CA HIS A 66 13.85 19.76 -14.63
C HIS A 66 12.82 20.63 -13.90
N GLU A 67 13.29 21.70 -13.26
CA GLU A 67 12.41 22.65 -12.60
C GLU A 67 12.66 23.95 -13.36
N GLY A 68 11.80 24.26 -14.31
CA GLY A 68 11.99 25.48 -15.09
C GLY A 68 10.69 26.11 -15.56
N ALA A 69 10.80 27.33 -16.03
CA ALA A 69 9.66 28.08 -16.53
C ALA A 69 10.21 28.98 -17.62
N GLY A 70 9.45 29.16 -18.68
CA GLY A 70 9.94 29.98 -19.76
C GLY A 70 8.88 30.40 -20.73
N ILE A 71 9.32 30.76 -21.93
CA ILE A 71 8.44 31.21 -23.00
C ILE A 71 8.70 30.42 -24.28
N VAL A 72 7.62 29.98 -24.93
CA VAL A 72 7.74 29.25 -26.17
C VAL A 72 8.43 30.14 -27.20
N GLU A 73 9.56 29.66 -27.73
CA GLU A 73 10.32 30.40 -28.72
C GLU A 73 9.82 30.03 -30.12
N SER A 74 9.53 28.75 -30.34
CA SER A 74 9.00 28.28 -31.62
C SER A 74 8.49 26.85 -31.48
N VAL A 75 7.61 26.44 -32.37
CA VAL A 75 7.06 25.10 -32.34
C VAL A 75 7.32 24.35 -33.63
N GLY A 76 7.44 23.04 -33.53
CA GLY A 76 7.69 22.24 -34.71
C GLY A 76 6.43 21.94 -35.51
N GLU A 77 6.63 21.18 -36.57
CA GLU A 77 5.55 20.78 -37.48
C GLU A 77 4.46 20.03 -36.73
N GLY A 78 3.21 20.37 -37.03
CA GLY A 78 2.10 19.69 -36.39
C GLY A 78 1.63 20.25 -35.07
N VAL A 79 2.39 21.15 -34.47
CA VAL A 79 2.01 21.75 -33.19
C VAL A 79 1.00 22.87 -33.41
N THR A 80 -0.21 22.69 -32.88
CA THR A 80 -1.28 23.65 -33.05
C THR A 80 -1.73 24.35 -31.76
N LYS A 81 -1.63 23.64 -30.64
CA LYS A 81 -2.05 24.19 -29.37
C LYS A 81 -1.08 25.16 -28.69
N LEU A 82 0.16 25.15 -29.13
CA LEU A 82 1.19 26.02 -28.58
C LEU A 82 1.76 26.90 -29.67
N LYS A 83 2.16 28.12 -29.29
CA LYS A 83 2.73 29.08 -30.24
C LYS A 83 3.76 29.96 -29.56
N ALA A 84 4.56 30.63 -30.38
CA ALA A 84 5.59 31.52 -29.87
C ALA A 84 4.97 32.55 -28.93
N GLY A 85 5.59 32.73 -27.76
CA GLY A 85 5.07 33.69 -26.82
C GLY A 85 4.29 33.08 -25.67
N ASP A 86 3.85 31.83 -25.81
CA ASP A 86 3.09 31.18 -24.73
C ASP A 86 3.97 31.01 -23.49
N THR A 87 3.39 31.25 -22.32
CA THR A 87 4.09 31.11 -21.05
C THR A 87 3.96 29.62 -20.70
N VAL A 88 5.09 28.97 -20.44
CA VAL A 88 5.05 27.54 -20.18
C VAL A 88 6.01 26.99 -19.13
N ILE A 89 5.75 25.76 -18.72
CA ILE A 89 6.58 25.03 -17.78
C ILE A 89 6.84 23.66 -18.39
N PRO A 90 8.11 23.25 -18.50
CA PRO A 90 8.48 21.95 -19.07
C PRO A 90 8.06 20.87 -18.07
N LEU A 91 7.66 19.71 -18.57
CA LEU A 91 7.21 18.62 -17.70
C LEU A 91 7.98 17.33 -17.89
N TYR A 92 8.56 16.78 -16.82
CA TYR A 92 9.28 15.52 -16.96
C TYR A 92 8.31 14.35 -16.98
N ILE A 93 7.07 14.63 -16.61
CA ILE A 93 6.00 13.64 -16.64
C ILE A 93 5.05 14.22 -17.67
N PRO A 94 5.05 13.66 -18.89
CA PRO A 94 4.19 14.12 -19.99
C PRO A 94 2.72 13.79 -19.79
N GLN A 95 1.92 14.14 -20.78
CA GLN A 95 0.51 13.82 -20.78
C GLN A 95 0.05 13.85 -22.23
N CYS A 96 0.21 12.72 -22.93
CA CYS A 96 -0.18 12.64 -24.33
C CYS A 96 -1.70 12.71 -24.39
N GLY A 97 -2.35 12.26 -23.33
CA GLY A 97 -3.80 12.29 -23.27
C GLY A 97 -4.54 11.19 -24.02
N GLU A 98 -3.81 10.22 -24.55
CA GLU A 98 -4.49 9.15 -25.28
C GLU A 98 -4.03 7.73 -24.99
N CYS A 99 -2.87 7.55 -24.36
CA CYS A 99 -2.40 6.21 -24.03
C CYS A 99 -3.27 5.68 -22.88
N LYS A 100 -3.14 4.40 -22.54
CA LYS A 100 -3.98 3.85 -21.48
C LYS A 100 -3.72 4.47 -20.11
N PHE A 101 -2.52 5.00 -19.89
CA PHE A 101 -2.22 5.64 -18.62
C PHE A 101 -2.91 6.99 -18.49
N CYS A 102 -2.75 7.84 -19.50
CA CYS A 102 -3.39 9.15 -19.49
C CYS A 102 -4.90 9.05 -19.42
N LEU A 103 -5.43 7.96 -19.97
CA LEU A 103 -6.88 7.76 -19.97
C LEU A 103 -7.38 7.21 -18.64
N ASN A 104 -6.48 6.71 -17.81
CA ASN A 104 -6.87 6.15 -16.51
C ASN A 104 -6.75 7.21 -15.41
N PRO A 105 -7.86 7.50 -14.70
CA PRO A 105 -7.90 8.49 -13.62
C PRO A 105 -7.00 8.17 -12.42
N LYS A 106 -6.61 6.92 -12.27
CA LYS A 106 -5.78 6.52 -11.13
C LYS A 106 -4.29 6.77 -11.28
N THR A 107 -3.86 7.31 -12.42
CA THR A 107 -2.45 7.54 -12.62
C THR A 107 -2.16 8.75 -13.52
N ASN A 108 -0.91 9.22 -13.47
CA ASN A 108 -0.47 10.36 -14.26
C ASN A 108 0.79 9.98 -15.02
N LEU A 109 1.15 8.71 -14.94
CA LEU A 109 2.38 8.23 -15.58
C LEU A 109 2.27 7.91 -17.06
N CYS A 110 2.12 8.94 -17.90
CA CYS A 110 2.05 8.78 -19.34
C CYS A 110 3.32 8.05 -19.80
N GLN A 111 3.14 7.01 -20.61
CA GLN A 111 4.27 6.23 -21.11
C GLN A 111 4.65 6.51 -22.56
N LYS A 112 3.87 7.33 -23.23
CA LYS A 112 4.10 7.67 -24.64
C LYS A 112 5.57 7.81 -25.07
N ILE A 113 6.36 8.53 -24.29
CA ILE A 113 7.77 8.75 -24.66
C ILE A 113 8.80 8.37 -23.61
N ARG A 114 8.40 7.53 -22.66
CA ARG A 114 9.26 7.07 -21.58
C ARG A 114 10.63 6.56 -22.06
N VAL A 115 10.60 5.61 -22.99
CA VAL A 115 11.81 5.00 -23.53
C VAL A 115 12.83 6.02 -24.02
N THR A 116 12.47 6.81 -25.03
CA THR A 116 13.41 7.81 -25.53
C THR A 116 13.85 8.79 -24.44
N GLN A 117 12.89 9.25 -23.63
CA GLN A 117 13.23 10.20 -22.57
C GLN A 117 14.26 9.63 -21.60
N GLY A 118 14.11 8.35 -21.27
CA GLY A 118 15.05 7.72 -20.36
C GLY A 118 16.45 7.66 -20.94
N LYS A 119 16.55 7.81 -22.25
CA LYS A 119 17.84 7.76 -22.91
C LYS A 119 18.33 9.17 -23.25
N GLY A 120 17.62 10.18 -22.74
CA GLY A 120 17.99 11.56 -23.00
C GLY A 120 17.85 11.93 -24.46
N LEU A 121 16.77 11.48 -25.08
CA LEU A 121 16.49 11.74 -26.48
C LEU A 121 15.04 12.17 -26.68
N MET A 122 14.77 12.85 -27.79
CA MET A 122 13.41 13.27 -28.09
C MET A 122 12.68 12.04 -28.63
N PRO A 123 11.35 12.13 -28.84
CA PRO A 123 10.58 10.98 -29.36
C PRO A 123 11.13 10.31 -30.61
N ASP A 124 11.84 11.05 -31.45
CA ASP A 124 12.39 10.50 -32.68
C ASP A 124 13.74 9.80 -32.49
N GLY A 125 14.17 9.68 -31.23
CA GLY A 125 15.42 9.01 -30.94
C GLY A 125 16.71 9.81 -31.11
N THR A 126 16.59 11.15 -31.20
CA THR A 126 17.78 11.99 -31.35
C THR A 126 17.76 13.17 -30.39
N SER A 127 18.92 13.80 -30.22
CA SER A 127 19.05 14.95 -29.35
C SER A 127 19.15 16.26 -30.14
N ARG A 128 18.65 17.35 -29.56
CA ARG A 128 18.68 18.64 -30.22
C ARG A 128 19.90 19.43 -29.76
N PHE A 129 20.63 18.87 -28.80
CA PHE A 129 21.80 19.54 -28.25
C PHE A 129 23.13 19.04 -28.80
N THR A 130 24.03 19.98 -29.04
CA THR A 130 25.37 19.70 -29.52
C THR A 130 26.26 20.75 -28.87
N CYS A 131 27.54 20.43 -28.72
CA CYS A 131 28.48 21.36 -28.12
C CYS A 131 29.89 20.91 -28.45
N LYS A 132 30.62 21.74 -29.18
CA LYS A 132 31.99 21.43 -29.57
C LYS A 132 32.05 20.12 -30.36
N GLY A 133 31.16 19.98 -31.33
CA GLY A 133 31.12 18.79 -32.15
C GLY A 133 30.65 17.54 -31.42
N LYS A 134 30.18 17.71 -30.19
CA LYS A 134 29.68 16.58 -29.40
C LYS A 134 28.18 16.67 -29.16
N THR A 135 27.49 15.53 -29.28
CA THR A 135 26.06 15.51 -29.04
C THR A 135 25.86 15.49 -27.53
N ILE A 136 24.95 16.33 -27.04
CA ILE A 136 24.68 16.39 -25.61
C ILE A 136 23.27 15.86 -25.39
N LEU A 137 23.13 14.97 -24.41
CA LEU A 137 21.84 14.35 -24.09
C LEU A 137 20.86 15.23 -23.33
N HIS A 138 19.57 14.99 -23.55
CA HIS A 138 18.53 15.73 -22.83
C HIS A 138 18.43 15.03 -21.48
N TYR A 139 17.70 15.65 -20.56
CA TYR A 139 17.55 15.09 -19.21
C TYR A 139 16.10 15.19 -18.74
N MET A 140 15.54 14.06 -18.35
CA MET A 140 14.17 14.03 -17.86
C MET A 140 13.20 14.73 -18.82
N GLY A 141 13.55 14.72 -20.11
CA GLY A 141 12.72 15.35 -21.12
C GLY A 141 12.62 16.86 -20.99
N THR A 142 13.39 17.46 -20.09
CA THR A 142 13.32 18.90 -19.90
C THR A 142 14.59 19.72 -20.14
N SER A 143 15.72 19.28 -19.60
CA SER A 143 16.99 20.01 -19.76
C SER A 143 16.84 21.53 -19.61
N THR A 144 16.34 21.96 -18.45
CA THR A 144 16.12 23.38 -18.20
C THR A 144 17.38 24.22 -17.95
N PHE A 145 18.52 23.57 -17.76
CA PHE A 145 19.75 24.31 -17.52
C PHE A 145 20.36 24.81 -18.83
N SER A 146 19.53 25.49 -19.61
CA SER A 146 19.93 26.04 -20.90
C SER A 146 19.08 27.27 -21.22
N GLU A 147 19.64 28.20 -21.97
CA GLU A 147 18.89 29.41 -22.34
C GLU A 147 17.73 28.98 -23.22
N TYR A 148 17.95 27.89 -23.95
CA TYR A 148 16.93 27.34 -24.84
C TYR A 148 16.97 25.83 -24.76
N THR A 149 15.79 25.21 -24.73
CA THR A 149 15.68 23.77 -24.68
C THR A 149 14.57 23.36 -25.62
N VAL A 150 14.53 22.08 -25.96
CA VAL A 150 13.51 21.54 -26.85
C VAL A 150 12.89 20.35 -26.13
N VAL A 151 11.55 20.28 -26.12
CA VAL A 151 10.86 19.20 -25.45
C VAL A 151 9.75 18.68 -26.34
N ALA A 152 9.26 17.48 -26.04
CA ALA A 152 8.16 16.90 -26.81
C ALA A 152 6.97 17.82 -26.57
N ASP A 153 6.11 17.98 -27.56
CA ASP A 153 4.97 18.86 -27.37
C ASP A 153 4.00 18.36 -26.31
N ILE A 154 4.20 17.13 -25.82
CA ILE A 154 3.32 16.60 -24.77
C ILE A 154 3.95 16.81 -23.38
N SER A 155 5.12 17.43 -23.35
CA SER A 155 5.85 17.71 -22.11
C SER A 155 5.75 19.21 -21.82
N VAL A 156 4.61 19.82 -22.16
CA VAL A 156 4.45 21.26 -21.97
C VAL A 156 3.16 21.70 -21.31
N ALA A 157 3.30 22.52 -20.27
CA ALA A 157 2.14 23.04 -19.58
C ALA A 157 2.06 24.52 -19.91
N LYS A 158 0.92 24.94 -20.46
CA LYS A 158 0.72 26.33 -20.81
C LYS A 158 0.09 26.99 -19.58
N ILE A 159 0.76 28.00 -19.04
CA ILE A 159 0.28 28.64 -17.84
C ILE A 159 -0.14 30.10 -17.95
N ASP A 160 -0.68 30.61 -16.85
CA ASP A 160 -1.14 31.99 -16.76
C ASP A 160 -0.02 32.93 -17.20
N PRO A 161 -0.29 33.80 -18.19
CA PRO A 161 0.67 34.77 -18.74
C PRO A 161 1.26 35.72 -17.70
N LEU A 162 0.53 35.93 -16.61
CA LEU A 162 0.97 36.84 -15.55
C LEU A 162 1.85 36.19 -14.49
N ALA A 163 1.95 34.87 -14.54
CA ALA A 163 2.74 34.13 -13.54
C ALA A 163 4.21 34.53 -13.52
N PRO A 164 4.74 34.83 -12.32
CA PRO A 164 6.15 35.22 -12.18
C PRO A 164 6.99 33.96 -12.37
N LEU A 165 7.65 33.87 -13.52
CA LEU A 165 8.45 32.71 -13.87
C LEU A 165 9.62 32.41 -12.94
N ASP A 166 10.16 33.45 -12.30
CA ASP A 166 11.28 33.26 -11.37
C ASP A 166 10.75 32.62 -10.10
N LYS A 167 9.47 32.29 -10.11
CA LYS A 167 8.81 31.67 -8.97
C LYS A 167 8.18 30.31 -9.32
N VAL A 168 7.20 30.34 -10.23
CA VAL A 168 6.50 29.12 -10.62
C VAL A 168 7.37 28.04 -11.24
N CYS A 169 8.64 28.33 -11.47
CA CYS A 169 9.52 27.31 -12.02
C CYS A 169 9.65 26.20 -10.99
N LEU A 170 9.44 26.53 -9.72
CA LEU A 170 9.54 25.53 -8.67
C LEU A 170 8.40 24.52 -8.74
N LEU A 171 7.34 24.86 -9.49
CA LEU A 171 6.20 23.96 -9.64
C LEU A 171 6.53 22.84 -10.61
N GLY A 172 7.69 22.94 -11.24
CA GLY A 172 8.12 21.92 -12.19
C GLY A 172 8.41 20.59 -11.51
N CYS A 173 8.62 20.61 -10.20
CA CYS A 173 8.90 19.38 -9.48
C CYS A 173 8.62 19.40 -7.98
N GLY A 174 9.62 19.80 -7.19
CA GLY A 174 9.51 19.83 -5.75
C GLY A 174 8.18 20.19 -5.09
N ILE A 175 7.71 21.41 -5.31
CA ILE A 175 6.46 21.84 -4.69
C ILE A 175 5.27 20.97 -5.12
N SER A 176 5.13 20.79 -6.42
CA SER A 176 4.02 20.00 -6.95
C SER A 176 4.03 18.57 -6.46
N THR A 177 5.20 17.96 -6.36
CA THR A 177 5.32 16.58 -5.91
C THR A 177 4.86 16.39 -4.47
N GLY A 178 5.38 17.21 -3.56
CA GLY A 178 5.02 17.11 -2.17
C GLY A 178 3.55 17.42 -1.94
N TYR A 179 3.09 18.50 -2.54
CA TYR A 179 1.71 18.92 -2.41
C TYR A 179 0.78 17.83 -2.93
N GLY A 180 1.05 17.32 -4.13
CA GLY A 180 0.23 16.27 -4.71
C GLY A 180 0.25 14.98 -3.90
N ALA A 181 1.39 14.66 -3.30
CA ALA A 181 1.50 13.46 -2.49
C ALA A 181 0.47 13.48 -1.37
N ALA A 182 0.19 14.67 -0.86
CA ALA A 182 -0.77 14.81 0.21
C ALA A 182 -2.20 14.83 -0.29
N VAL A 183 -2.47 15.58 -1.35
CA VAL A 183 -3.84 15.70 -1.83
C VAL A 183 -4.31 14.76 -2.92
N ASN A 184 -3.39 14.08 -3.61
CA ASN A 184 -3.78 13.15 -4.67
C ASN A 184 -3.55 11.70 -4.30
N THR A 185 -2.35 11.42 -3.79
CA THR A 185 -1.96 10.08 -3.41
C THR A 185 -2.57 9.69 -2.07
N ALA A 186 -2.24 10.43 -1.03
CA ALA A 186 -2.78 10.14 0.28
C ALA A 186 -4.26 10.50 0.34
N LYS A 187 -4.62 11.66 -0.21
CA LYS A 187 -6.00 12.14 -0.17
C LYS A 187 -6.39 12.16 1.31
N LEU A 188 -5.51 12.67 2.16
CA LEU A 188 -5.79 12.71 3.59
C LEU A 188 -7.04 13.55 3.87
N GLU A 189 -7.79 13.11 4.88
CA GLU A 189 -9.03 13.77 5.29
C GLU A 189 -8.78 14.81 6.38
N PRO A 190 -9.70 15.78 6.52
CA PRO A 190 -9.54 16.81 7.56
C PRO A 190 -9.38 16.16 8.93
N GLY A 191 -8.48 16.69 9.75
CA GLY A 191 -8.27 16.13 11.08
C GLY A 191 -7.18 15.07 11.13
N SER A 192 -6.74 14.60 9.96
CA SER A 192 -5.71 13.58 9.87
C SER A 192 -4.43 13.92 10.62
N VAL A 193 -3.79 12.89 11.17
CA VAL A 193 -2.53 13.03 11.90
C VAL A 193 -1.42 12.63 10.90
N CYS A 194 -0.48 13.53 10.67
CA CYS A 194 0.60 13.26 9.71
C CYS A 194 2.01 13.37 10.26
N ALA A 195 2.93 12.70 9.56
CA ALA A 195 4.35 12.72 9.87
C ALA A 195 5.08 12.82 8.53
N VAL A 196 6.00 13.77 8.44
CA VAL A 196 6.75 13.99 7.20
C VAL A 196 8.24 13.80 7.45
N PHE A 197 8.84 12.81 6.81
CA PHE A 197 10.27 12.52 6.97
C PHE A 197 11.07 13.19 5.88
N GLY A 198 11.89 14.16 6.27
CA GLY A 198 12.69 14.89 5.31
C GLY A 198 12.03 16.25 5.16
N LEU A 199 12.66 17.29 5.71
CA LEU A 199 12.08 18.62 5.64
C LEU A 199 12.72 19.55 4.62
N GLY A 200 12.96 19.00 3.43
CA GLY A 200 13.52 19.78 2.35
C GLY A 200 12.36 20.35 1.56
N GLY A 201 12.62 20.90 0.38
CA GLY A 201 11.54 21.47 -0.41
C GLY A 201 10.34 20.55 -0.54
N VAL A 202 10.59 19.28 -0.86
CA VAL A 202 9.50 18.32 -1.01
C VAL A 202 8.71 18.15 0.27
N GLY A 203 9.41 17.92 1.37
CA GLY A 203 8.74 17.75 2.64
C GLY A 203 7.89 18.96 3.03
N LEU A 204 8.43 20.15 2.81
CA LEU A 204 7.70 21.37 3.15
C LEU A 204 6.43 21.45 2.31
N ALA A 205 6.52 20.99 1.06
CA ALA A 205 5.38 21.00 0.15
C ALA A 205 4.36 19.96 0.62
N VAL A 206 4.83 18.87 1.23
CA VAL A 206 3.91 17.86 1.75
C VAL A 206 3.19 18.47 2.95
N ILE A 207 3.95 19.18 3.78
CA ILE A 207 3.39 19.83 4.97
C ILE A 207 2.33 20.82 4.52
N MET A 208 2.63 21.57 3.47
CA MET A 208 1.70 22.56 2.94
C MET A 208 0.43 21.84 2.48
N GLY A 209 0.61 20.68 1.85
CA GLY A 209 -0.53 19.92 1.38
C GLY A 209 -1.37 19.43 2.55
N CYS A 210 -0.71 18.91 3.57
CA CYS A 210 -1.42 18.42 4.75
C CYS A 210 -2.22 19.56 5.38
N LYS A 211 -1.63 20.76 5.38
CA LYS A 211 -2.30 21.92 5.95
C LYS A 211 -3.52 22.27 5.10
N VAL A 212 -3.37 22.26 3.78
CA VAL A 212 -4.48 22.57 2.91
C VAL A 212 -5.62 21.56 3.07
N ALA A 213 -5.27 20.31 3.31
CA ALA A 213 -6.26 19.26 3.48
C ALA A 213 -6.90 19.29 4.86
N GLY A 214 -6.43 20.18 5.71
CA GLY A 214 -7.00 20.29 7.05
C GLY A 214 -6.50 19.29 8.07
N ALA A 215 -5.23 18.91 7.96
CA ALA A 215 -4.64 17.96 8.91
C ALA A 215 -4.57 18.59 10.29
N SER A 216 -4.75 17.78 11.33
CA SER A 216 -4.71 18.26 12.70
C SER A 216 -3.26 18.32 13.18
N ARG A 217 -2.59 17.17 13.27
CA ARG A 217 -1.20 17.17 13.69
C ARG A 217 -0.32 16.87 12.49
N ILE A 218 0.73 17.66 12.35
CA ILE A 218 1.68 17.45 11.26
C ILE A 218 3.03 17.44 11.94
N ILE A 219 3.62 16.25 12.08
CA ILE A 219 4.90 16.10 12.73
C ILE A 219 6.05 16.04 11.73
N GLY A 220 6.92 17.04 11.79
CA GLY A 220 8.06 17.06 10.89
C GLY A 220 9.17 16.22 11.50
N VAL A 221 9.82 15.40 10.68
CA VAL A 221 10.90 14.56 11.17
C VAL A 221 12.13 14.76 10.30
N ASP A 222 13.23 15.15 10.94
CA ASP A 222 14.48 15.37 10.20
C ASP A 222 15.62 15.44 11.22
N ILE A 223 16.79 14.93 10.84
CA ILE A 223 17.92 14.94 11.75
C ILE A 223 18.62 16.30 11.80
N ASN A 224 18.21 17.20 10.91
CA ASN A 224 18.78 18.54 10.84
C ASN A 224 17.79 19.52 11.45
N LYS A 225 17.97 19.84 12.73
CA LYS A 225 17.06 20.74 13.43
C LYS A 225 16.94 22.13 12.80
N ASP A 226 17.92 22.52 11.99
CA ASP A 226 17.87 23.83 11.35
C ASP A 226 16.67 23.97 10.42
N LYS A 227 16.13 22.84 9.98
CA LYS A 227 14.99 22.84 9.06
C LYS A 227 13.65 22.90 9.77
N PHE A 228 13.68 22.88 11.09
CA PHE A 228 12.46 22.92 11.90
C PHE A 228 11.67 24.22 11.82
N ALA A 229 12.36 25.34 11.98
CA ALA A 229 11.71 26.65 11.96
C ALA A 229 10.85 26.84 10.71
N ARG A 230 11.42 26.59 9.53
CA ARG A 230 10.67 26.77 8.31
C ARG A 230 9.54 25.74 8.19
N ALA A 231 9.75 24.55 8.74
CA ALA A 231 8.73 23.51 8.71
C ALA A 231 7.50 24.00 9.50
N LYS A 232 7.74 24.63 10.65
CA LYS A 232 6.65 25.14 11.45
C LYS A 232 5.92 26.19 10.64
N GLU A 233 6.67 27.11 10.06
CA GLU A 233 6.10 28.17 9.23
C GLU A 233 5.16 27.59 8.19
N PHE A 234 5.50 26.43 7.66
CA PHE A 234 4.65 25.79 6.65
C PHE A 234 3.46 25.04 7.21
N GLY A 235 3.42 24.85 8.53
CA GLY A 235 2.28 24.17 9.13
C GLY A 235 2.57 23.02 10.06
N ALA A 236 3.83 22.63 10.20
CA ALA A 236 4.19 21.53 11.09
C ALA A 236 3.83 21.91 12.52
N THR A 237 3.02 21.07 13.18
CA THR A 237 2.61 21.34 14.56
C THR A 237 3.79 21.13 15.50
N GLU A 238 4.74 20.32 15.08
CA GLU A 238 5.96 20.08 15.85
C GLU A 238 6.94 19.27 15.04
N CYS A 239 8.21 19.31 15.44
CA CYS A 239 9.25 18.58 14.75
C CYS A 239 10.08 17.82 15.76
N ILE A 240 10.55 16.64 15.36
CA ILE A 240 11.35 15.82 16.23
C ILE A 240 12.61 15.38 15.50
N ASN A 241 13.71 15.33 16.22
CA ASN A 241 15.00 14.90 15.67
C ASN A 241 15.19 13.47 16.14
N PRO A 242 15.13 12.50 15.22
CA PRO A 242 15.31 11.09 15.56
C PRO A 242 16.53 10.85 16.45
N GLN A 243 17.53 11.72 16.29
CA GLN A 243 18.77 11.61 17.07
C GLN A 243 18.59 11.95 18.54
N ASP A 244 17.47 12.58 18.90
CA ASP A 244 17.23 12.92 20.30
C ASP A 244 16.57 11.77 21.03
N PHE A 245 16.41 10.63 20.35
CA PHE A 245 15.79 9.47 20.97
C PHE A 245 16.58 8.20 20.75
N SER A 246 16.55 7.32 21.75
CA SER A 246 17.27 6.05 21.67
C SER A 246 16.45 5.04 20.86
N LYS A 247 15.16 4.97 21.15
CA LYS A 247 14.27 4.03 20.47
C LYS A 247 14.08 4.40 18.99
N PRO A 248 13.74 3.41 18.14
CA PRO A 248 13.53 3.67 16.70
C PRO A 248 12.48 4.76 16.55
N ILE A 249 12.65 5.62 15.55
CA ILE A 249 11.72 6.73 15.32
C ILE A 249 10.25 6.33 15.21
N GLN A 250 9.96 5.16 14.64
CA GLN A 250 8.57 4.73 14.52
C GLN A 250 7.96 4.49 15.89
N GLU A 251 8.77 4.03 16.84
CA GLU A 251 8.28 3.78 18.19
C GLU A 251 7.99 5.11 18.87
N VAL A 252 8.82 6.10 18.60
CA VAL A 252 8.65 7.43 19.17
C VAL A 252 7.34 8.03 18.65
N LEU A 253 7.15 7.99 17.34
CA LEU A 253 5.93 8.52 16.73
C LEU A 253 4.69 7.76 17.20
N ILE A 254 4.81 6.44 17.30
CA ILE A 254 3.68 5.64 17.76
C ILE A 254 3.27 6.07 19.17
N GLU A 255 4.26 6.32 20.02
CA GLU A 255 4.02 6.75 21.39
C GLU A 255 3.40 8.15 21.43
N MET A 256 3.85 9.04 20.56
CA MET A 256 3.37 10.42 20.50
C MET A 256 1.92 10.54 20.06
N THR A 257 1.50 9.65 19.16
CA THR A 257 0.16 9.71 18.59
C THR A 257 -0.79 8.62 19.06
N ASP A 258 -0.43 7.91 20.12
CA ASP A 258 -1.28 6.86 20.65
C ASP A 258 -1.65 5.79 19.61
N GLY A 259 -0.63 5.26 18.92
CA GLY A 259 -0.87 4.23 17.93
C GLY A 259 -0.13 4.43 16.63
N GLY A 260 0.15 5.68 16.29
CA GLY A 260 0.85 5.97 15.06
C GLY A 260 0.06 6.98 14.24
N VAL A 261 0.70 7.57 13.24
CA VAL A 261 0.06 8.57 12.38
C VAL A 261 -0.90 7.95 11.36
N ASP A 262 -1.82 8.75 10.83
CA ASP A 262 -2.77 8.28 9.84
C ASP A 262 -2.07 8.26 8.49
N TYR A 263 -1.17 9.21 8.27
CA TYR A 263 -0.42 9.30 7.02
C TYR A 263 1.03 9.72 7.26
N SER A 264 1.95 9.04 6.61
CA SER A 264 3.36 9.39 6.73
C SER A 264 3.91 9.53 5.33
N PHE A 265 4.88 10.43 5.16
CA PHE A 265 5.51 10.65 3.87
C PHE A 265 7.02 10.63 3.99
N GLU A 266 7.67 9.83 3.16
CA GLU A 266 9.11 9.71 3.15
C GLU A 266 9.54 10.57 1.97
N CYS A 267 10.28 11.64 2.25
CA CYS A 267 10.72 12.57 1.21
C CYS A 267 12.24 12.66 1.10
N ILE A 268 12.93 11.57 1.45
CA ILE A 268 14.38 11.56 1.42
C ILE A 268 14.97 10.58 0.38
N GLY A 269 14.35 9.42 0.24
CA GLY A 269 14.85 8.43 -0.70
C GLY A 269 15.74 7.44 0.02
N ASN A 270 15.49 7.27 1.32
CA ASN A 270 16.25 6.35 2.16
C ASN A 270 15.32 5.18 2.53
N VAL A 271 15.66 3.99 2.06
CA VAL A 271 14.84 2.81 2.31
C VAL A 271 14.67 2.46 3.78
N LYS A 272 15.65 2.75 4.62
CA LYS A 272 15.52 2.46 6.04
C LYS A 272 14.47 3.39 6.64
N VAL A 273 14.49 4.66 6.22
CA VAL A 273 13.52 5.62 6.70
C VAL A 273 12.14 5.27 6.17
N MET A 274 12.10 4.76 4.93
CA MET A 274 10.85 4.37 4.32
C MET A 274 10.16 3.32 5.17
N ARG A 275 10.95 2.38 5.69
CA ARG A 275 10.38 1.33 6.53
C ARG A 275 9.85 1.95 7.82
N ALA A 276 10.63 2.87 8.39
CA ALA A 276 10.24 3.55 9.63
C ALA A 276 8.94 4.30 9.41
N ALA A 277 8.86 5.01 8.29
CA ALA A 277 7.66 5.79 7.99
C ALA A 277 6.44 4.87 7.92
N LEU A 278 6.59 3.71 7.29
CA LEU A 278 5.48 2.78 7.19
C LEU A 278 5.06 2.27 8.56
N GLU A 279 6.03 1.81 9.35
CA GLU A 279 5.75 1.26 10.68
C GLU A 279 5.32 2.32 11.68
N ALA A 280 5.53 3.58 11.33
CA ALA A 280 5.14 4.69 12.19
C ALA A 280 3.65 4.96 12.00
N CYS A 281 3.04 4.28 11.03
CA CYS A 281 1.61 4.47 10.78
C CYS A 281 0.74 3.67 11.71
N HIS A 282 -0.42 4.25 12.02
CA HIS A 282 -1.38 3.65 12.92
C HIS A 282 -1.92 2.33 12.37
N LYS A 283 -2.15 1.39 13.28
CA LYS A 283 -2.69 0.09 12.93
C LYS A 283 -4.08 0.29 12.34
N GLY A 284 -4.52 -0.65 11.51
CA GLY A 284 -5.84 -0.57 10.93
C GLY A 284 -6.10 0.33 9.74
N TRP A 285 -5.54 1.53 9.74
CA TRP A 285 -5.79 2.45 8.62
C TRP A 285 -4.58 3.31 8.23
N GLY A 286 -3.43 3.06 8.85
CA GLY A 286 -2.26 3.85 8.52
C GLY A 286 -1.85 3.74 7.06
N VAL A 287 -1.46 4.86 6.46
CA VAL A 287 -1.04 4.89 5.06
C VAL A 287 0.30 5.64 4.95
N SER A 288 1.30 5.01 4.36
CA SER A 288 2.59 5.68 4.19
C SER A 288 2.87 5.88 2.71
N VAL A 289 3.31 7.09 2.34
CA VAL A 289 3.61 7.37 0.94
C VAL A 289 5.09 7.67 0.66
N VAL A 290 5.69 6.88 -0.22
CA VAL A 290 7.10 7.09 -0.60
C VAL A 290 7.08 8.15 -1.69
N VAL A 291 7.60 9.34 -1.39
CA VAL A 291 7.63 10.43 -2.37
C VAL A 291 8.84 10.30 -3.30
N GLY A 292 8.56 9.97 -4.56
CA GLY A 292 9.62 9.80 -5.55
C GLY A 292 10.58 10.96 -5.65
N VAL A 293 11.84 10.71 -5.28
CA VAL A 293 12.88 11.72 -5.32
C VAL A 293 14.24 11.11 -5.75
N ALA A 294 14.39 9.81 -5.51
CA ALA A 294 15.61 9.06 -5.86
C ALA A 294 15.28 7.81 -6.70
N ALA A 295 16.26 6.91 -6.74
CA ALA A 295 16.18 5.62 -7.43
C ALA A 295 17.20 4.88 -6.56
N SER A 296 16.97 5.05 -5.26
CA SER A 296 17.79 4.50 -4.18
C SER A 296 18.68 3.34 -4.60
N GLY A 297 18.15 2.46 -5.46
CA GLY A 297 18.90 1.32 -5.93
C GLY A 297 18.69 0.09 -5.07
N GLU A 298 18.47 0.32 -3.78
CA GLU A 298 18.25 -0.75 -2.82
C GLU A 298 16.77 -1.09 -2.75
N GLU A 299 16.41 -1.91 -1.76
CA GLU A 299 15.01 -2.29 -1.59
C GLU A 299 14.49 -1.98 -0.20
N ILE A 300 13.16 -1.88 -0.11
CA ILE A 300 12.48 -1.60 1.15
C ILE A 300 11.94 -2.91 1.70
N ALA A 301 11.71 -2.95 3.01
CA ALA A 301 11.20 -4.15 3.63
C ALA A 301 10.45 -3.88 4.93
N THR A 302 9.66 -4.86 5.35
CA THR A 302 8.90 -4.79 6.59
C THR A 302 8.29 -6.18 6.77
N ARG A 303 7.57 -6.38 7.85
CA ARG A 303 6.93 -7.68 8.07
C ARG A 303 5.51 -7.58 7.56
N PRO A 304 5.07 -8.59 6.79
CA PRO A 304 3.72 -8.63 6.22
C PRO A 304 2.66 -8.26 7.25
N PHE A 305 2.98 -8.57 8.51
CA PHE A 305 2.09 -8.28 9.63
C PHE A 305 1.63 -6.82 9.60
N GLN A 306 2.54 -5.92 9.23
CA GLN A 306 2.24 -4.49 9.17
C GLN A 306 1.09 -4.20 8.22
N LEU A 307 1.09 -4.90 7.09
CA LEU A 307 0.05 -4.74 6.07
C LEU A 307 -1.21 -5.49 6.45
N VAL A 308 -1.03 -6.72 6.95
CA VAL A 308 -2.16 -7.53 7.35
C VAL A 308 -2.96 -6.83 8.42
N THR A 309 -2.28 -6.14 9.33
CA THR A 309 -3.00 -5.45 10.38
C THR A 309 -3.46 -4.04 10.01
N GLY A 310 -3.62 -3.79 8.71
CA GLY A 310 -4.15 -2.51 8.28
C GLY A 310 -3.36 -1.41 7.62
N ARG A 311 -2.03 -1.44 7.66
CA ARG A 311 -1.28 -0.36 7.04
C ARG A 311 -1.18 -0.55 5.53
N THR A 312 -1.03 0.55 4.81
CA THR A 312 -0.95 0.54 3.35
C THR A 312 0.32 1.26 2.89
N TRP A 313 1.04 0.64 1.96
CA TRP A 313 2.27 1.23 1.43
C TRP A 313 2.01 1.75 0.02
N LYS A 314 2.19 3.05 -0.18
CA LYS A 314 1.98 3.69 -1.48
C LYS A 314 3.21 4.50 -1.91
N GLY A 315 3.14 5.01 -3.13
CA GLY A 315 4.24 5.80 -3.65
C GLY A 315 3.65 6.83 -4.58
N THR A 316 4.46 7.80 -5.00
CA THR A 316 3.97 8.81 -5.91
C THR A 316 5.07 9.41 -6.77
N ALA A 317 4.68 9.87 -7.96
CA ALA A 317 5.60 10.50 -8.90
C ALA A 317 4.96 11.82 -9.32
N PHE A 318 5.71 12.90 -9.14
CA PHE A 318 5.23 14.23 -9.47
C PHE A 318 3.85 14.44 -8.84
N GLY A 319 3.71 13.94 -7.61
CA GLY A 319 2.47 14.08 -6.86
C GLY A 319 1.20 13.53 -7.47
N GLY A 320 1.33 12.63 -8.45
CA GLY A 320 0.17 12.05 -9.09
C GLY A 320 -0.66 13.05 -9.89
N TRP A 321 -0.04 14.15 -10.30
CA TRP A 321 -0.75 15.16 -11.10
C TRP A 321 -0.67 14.84 -12.58
N LYS A 322 -1.80 14.78 -13.26
CA LYS A 322 -1.75 14.59 -14.70
C LYS A 322 -1.20 15.96 -15.10
N SER A 323 0.09 15.98 -15.37
CA SER A 323 0.85 17.19 -15.70
C SER A 323 0.30 18.31 -16.57
N VAL A 324 -0.04 18.03 -17.82
CA VAL A 324 -0.50 19.09 -18.70
C VAL A 324 -1.75 19.83 -18.24
N GLU A 325 -2.68 19.13 -17.61
CA GLU A 325 -3.91 19.78 -17.14
C GLU A 325 -3.79 20.32 -15.72
N SER A 326 -2.88 19.74 -14.92
CA SER A 326 -2.73 20.16 -13.53
C SER A 326 -1.81 21.35 -13.26
N VAL A 327 -0.61 21.32 -13.84
CA VAL A 327 0.34 22.40 -13.62
C VAL A 327 -0.30 23.78 -13.81
N PRO A 328 -1.10 23.97 -14.87
CA PRO A 328 -1.72 25.29 -15.04
C PRO A 328 -2.58 25.65 -13.83
N LYS A 329 -3.31 24.66 -13.32
CA LYS A 329 -4.18 24.88 -12.18
C LYS A 329 -3.37 25.17 -10.91
N LEU A 330 -2.23 24.47 -10.75
CA LEU A 330 -1.38 24.69 -9.59
C LEU A 330 -0.86 26.13 -9.65
N VAL A 331 -0.54 26.61 -10.84
CA VAL A 331 -0.07 27.97 -10.99
C VAL A 331 -1.18 28.90 -10.54
N SER A 332 -2.41 28.60 -10.96
CA SER A 332 -3.56 29.40 -10.57
C SER A 332 -3.77 29.39 -9.07
N GLU A 333 -3.53 28.26 -8.43
CA GLU A 333 -3.70 28.17 -6.99
C GLU A 333 -2.66 29.06 -6.31
N TYR A 334 -1.45 29.12 -6.87
CA TYR A 334 -0.40 29.96 -6.31
C TYR A 334 -0.80 31.42 -6.51
N MET A 335 -1.35 31.71 -7.69
CA MET A 335 -1.79 33.06 -8.02
C MET A 335 -2.90 33.50 -7.08
N SER A 336 -3.79 32.58 -6.77
CA SER A 336 -4.93 32.85 -5.90
C SER A 336 -4.56 32.75 -4.42
N LYS A 337 -3.29 32.50 -4.17
CA LYS A 337 -2.77 32.38 -2.82
C LYS A 337 -3.35 31.19 -2.03
N LYS A 338 -3.69 30.13 -2.75
CA LYS A 338 -4.21 28.92 -2.10
C LYS A 338 -3.01 28.09 -1.64
N ILE A 339 -1.91 28.16 -2.39
CA ILE A 339 -0.68 27.45 -2.04
C ILE A 339 0.49 28.42 -2.12
N LYS A 340 1.59 28.07 -1.46
CA LYS A 340 2.77 28.91 -1.45
C LYS A 340 3.83 28.44 -2.43
N VAL A 341 4.65 29.39 -2.91
CA VAL A 341 5.75 29.08 -3.82
C VAL A 341 6.94 29.95 -3.41
N ASP A 342 6.69 31.24 -3.25
CA ASP A 342 7.71 32.20 -2.87
C ASP A 342 8.50 31.79 -1.63
N GLU A 343 7.81 31.22 -0.66
CA GLU A 343 8.43 30.80 0.59
C GLU A 343 9.46 29.69 0.42
N PHE A 344 9.46 29.05 -0.75
CA PHE A 344 10.41 27.97 -1.03
C PHE A 344 11.75 28.51 -1.51
N VAL A 345 11.73 29.71 -2.10
CA VAL A 345 12.94 30.35 -2.61
C VAL A 345 13.81 30.89 -1.49
N THR A 346 14.94 30.25 -1.24
CA THR A 346 15.85 30.69 -0.19
C THR A 346 17.06 31.45 -0.74
N HIS A 347 17.39 31.21 -2.01
CA HIS A 347 18.52 31.90 -2.64
C HIS A 347 18.26 32.19 -4.12
N ASN A 348 18.99 33.17 -4.65
CA ASN A 348 18.89 33.58 -6.05
C ASN A 348 20.28 33.74 -6.63
N LEU A 349 20.48 33.19 -7.83
CA LEU A 349 21.78 33.26 -8.48
C LEU A 349 21.65 33.49 -9.97
N SER A 350 22.75 33.88 -10.59
CA SER A 350 22.78 34.10 -12.03
C SER A 350 23.14 32.76 -12.64
N PHE A 351 22.87 32.59 -13.94
CA PHE A 351 23.17 31.36 -14.63
C PHE A 351 24.62 30.94 -14.45
N ASP A 352 25.55 31.88 -14.60
CA ASP A 352 26.96 31.58 -14.47
C ASP A 352 27.35 30.99 -13.11
N GLU A 353 26.57 31.28 -12.08
CA GLU A 353 26.85 30.78 -10.74
C GLU A 353 26.02 29.54 -10.40
N ILE A 354 25.49 28.87 -11.41
CA ILE A 354 24.64 27.70 -11.18
C ILE A 354 25.27 26.63 -10.28
N ASN A 355 26.59 26.43 -10.40
CA ASN A 355 27.25 25.43 -9.57
C ASN A 355 27.07 25.73 -8.08
N LYS A 356 26.96 27.01 -7.75
CA LYS A 356 26.77 27.40 -6.35
C LYS A 356 25.44 26.87 -5.83
N ALA A 357 24.47 26.72 -6.73
CA ALA A 357 23.15 26.20 -6.35
C ALA A 357 23.29 24.78 -5.85
N PHE A 358 24.23 24.03 -6.43
CA PHE A 358 24.47 22.64 -6.03
C PHE A 358 25.19 22.60 -4.68
N GLU A 359 26.09 23.56 -4.46
CA GLU A 359 26.83 23.62 -3.21
C GLU A 359 25.88 23.90 -2.04
N LEU A 360 25.04 24.92 -2.21
CA LEU A 360 24.08 25.30 -1.17
C LEU A 360 23.17 24.13 -0.78
N MET A 361 22.91 23.27 -1.76
CA MET A 361 22.05 22.11 -1.54
C MET A 361 22.71 20.99 -0.76
N HIS A 362 23.94 20.64 -1.13
CA HIS A 362 24.64 19.57 -0.45
C HIS A 362 24.94 19.91 1.00
N SER A 363 25.10 21.20 1.27
CA SER A 363 25.39 21.66 2.62
C SER A 363 24.10 21.80 3.43
N GLY A 364 22.98 21.45 2.79
CA GLY A 364 21.67 21.49 3.43
C GLY A 364 21.32 22.81 4.08
N LYS A 365 21.86 23.85 3.51
CA LYS A 365 21.65 25.20 3.98
C LYS A 365 20.91 25.84 2.82
N SER A 366 19.63 25.49 2.68
CA SER A 366 18.84 26.00 1.57
C SER A 366 17.72 25.04 1.20
N ILE A 367 16.65 25.59 0.65
CA ILE A 367 15.50 24.81 0.20
C ILE A 367 15.50 24.81 -1.32
N ARG A 368 15.44 26.01 -1.90
CA ARG A 368 15.47 26.16 -3.34
C ARG A 368 16.22 27.41 -3.76
N THR A 369 17.11 27.24 -4.74
CA THR A 369 17.91 28.32 -5.28
C THR A 369 17.43 28.55 -6.72
N VAL A 370 16.81 29.70 -6.96
CA VAL A 370 16.33 29.99 -8.30
C VAL A 370 17.44 30.63 -9.15
N VAL A 371 17.73 29.99 -10.27
CA VAL A 371 18.77 30.46 -11.16
C VAL A 371 18.17 31.30 -12.28
N LYS A 372 18.59 32.55 -12.35
CA LYS A 372 18.10 33.45 -13.39
C LYS A 372 18.93 33.23 -14.64
N ILE A 373 18.27 32.87 -15.73
CA ILE A 373 18.99 32.65 -16.98
C ILE A 373 19.44 34.01 -17.51
N ALA B 1 -29.01 -22.33 38.34
CA ALA B 1 -28.14 -21.38 37.58
C ALA B 1 -27.34 -22.16 36.54
N ASN B 2 -26.30 -21.53 35.99
CA ASN B 2 -25.48 -22.20 35.00
C ASN B 2 -24.42 -23.02 35.72
N GLU B 3 -24.43 -24.32 35.46
CA GLU B 3 -23.50 -25.25 36.08
C GLU B 3 -22.28 -25.52 35.22
N VAL B 4 -21.30 -26.16 35.83
CA VAL B 4 -20.09 -26.54 35.11
C VAL B 4 -20.53 -27.63 34.14
N ILE B 5 -19.93 -27.66 32.95
CA ILE B 5 -20.28 -28.67 31.98
C ILE B 5 -19.11 -29.62 31.75
N LYS B 6 -19.39 -30.91 31.80
CA LYS B 6 -18.40 -31.93 31.57
C LYS B 6 -18.67 -32.44 30.15
N CYS B 7 -17.74 -32.20 29.24
CA CYS B 7 -17.93 -32.61 27.86
C CYS B 7 -16.60 -33.02 27.28
N LYS B 8 -16.60 -33.32 25.98
CA LYS B 8 -15.37 -33.71 25.31
C LYS B 8 -14.80 -32.54 24.54
N ALA B 9 -13.49 -32.55 24.34
CA ALA B 9 -12.82 -31.49 23.59
C ALA B 9 -11.52 -32.04 23.03
N ALA B 10 -11.09 -31.49 21.90
CA ALA B 10 -9.85 -31.90 21.29
C ALA B 10 -8.77 -31.02 21.91
N VAL B 11 -8.04 -31.58 22.86
CA VAL B 11 -7.00 -30.83 23.54
C VAL B 11 -5.64 -30.98 22.88
N ALA B 12 -4.94 -29.85 22.73
CA ALA B 12 -3.59 -29.82 22.19
C ALA B 12 -2.71 -29.76 23.43
N TRP B 13 -2.25 -30.91 23.89
CA TRP B 13 -1.42 -30.95 25.08
C TRP B 13 -0.06 -30.30 24.87
N GLU B 14 0.49 -30.44 23.66
CA GLU B 14 1.81 -29.90 23.40
C GLU B 14 2.03 -29.64 21.91
N ALA B 15 2.91 -28.70 21.60
CA ALA B 15 3.23 -28.39 20.21
C ALA B 15 3.79 -29.64 19.53
N GLY B 16 3.56 -29.75 18.23
CA GLY B 16 4.07 -30.87 17.45
C GLY B 16 3.37 -32.19 17.60
N LYS B 17 2.38 -32.25 18.50
CA LYS B 17 1.64 -33.48 18.73
C LYS B 17 0.22 -33.38 18.17
N PRO B 18 -0.41 -34.53 17.90
CA PRO B 18 -1.78 -34.47 17.37
C PRO B 18 -2.74 -34.12 18.52
N LEU B 19 -3.97 -33.77 18.17
CA LEU B 19 -4.96 -33.42 19.18
C LEU B 19 -5.44 -34.66 19.92
N SER B 20 -5.85 -34.48 21.18
CA SER B 20 -6.34 -35.60 21.97
C SER B 20 -7.76 -35.34 22.46
N ILE B 21 -8.67 -36.27 22.18
CA ILE B 21 -10.05 -36.12 22.63
C ILE B 21 -10.07 -36.42 24.13
N GLU B 22 -10.28 -35.39 24.93
CA GLU B 22 -10.29 -35.52 26.38
C GLU B 22 -11.61 -35.13 27.01
N GLU B 23 -11.81 -35.58 28.24
CA GLU B 23 -12.99 -35.22 29.01
C GLU B 23 -12.54 -33.93 29.69
N ILE B 24 -13.25 -32.84 29.47
CA ILE B 24 -12.88 -31.58 30.09
C ILE B 24 -14.05 -30.99 30.86
N GLU B 25 -13.79 -29.90 31.55
CA GLU B 25 -14.83 -29.21 32.29
C GLU B 25 -14.88 -27.79 31.75
N VAL B 26 -16.07 -27.30 31.45
CA VAL B 26 -16.26 -25.95 30.95
C VAL B 26 -17.06 -25.16 31.98
N ALA B 27 -16.43 -24.16 32.57
CA ALA B 27 -17.06 -23.33 33.58
C ALA B 27 -18.24 -22.57 33.00
N PRO B 28 -19.17 -22.14 33.87
CA PRO B 28 -20.33 -21.39 33.37
C PRO B 28 -19.86 -20.00 32.95
N PRO B 29 -20.63 -19.32 32.10
CA PRO B 29 -20.25 -17.98 31.65
C PRO B 29 -20.24 -16.95 32.77
N LYS B 30 -19.21 -16.14 32.84
CA LYS B 30 -19.16 -15.08 33.86
C LYS B 30 -19.81 -13.87 33.21
N ALA B 31 -19.71 -12.71 33.86
CA ALA B 31 -20.32 -11.51 33.31
C ALA B 31 -19.79 -11.22 31.90
N HIS B 32 -20.72 -10.91 30.99
CA HIS B 32 -20.39 -10.61 29.60
C HIS B 32 -19.66 -11.70 28.84
N GLU B 33 -20.09 -12.94 29.05
CA GLU B 33 -19.52 -14.09 28.36
C GLU B 33 -20.70 -14.95 27.95
N VAL B 34 -20.50 -15.79 26.94
CA VAL B 34 -21.58 -16.67 26.53
C VAL B 34 -21.01 -18.05 26.24
N ARG B 35 -21.69 -19.07 26.73
CA ARG B 35 -21.25 -20.44 26.51
C ARG B 35 -22.00 -20.94 25.30
N ILE B 36 -21.26 -21.48 24.35
CA ILE B 36 -21.83 -21.96 23.10
C ILE B 36 -21.64 -23.45 22.90
N LYS B 37 -22.69 -24.11 22.40
CA LYS B 37 -22.61 -25.53 22.10
C LYS B 37 -22.12 -25.56 20.65
N ILE B 38 -20.92 -26.05 20.43
CA ILE B 38 -20.38 -26.10 19.07
C ILE B 38 -21.00 -27.29 18.35
N ILE B 39 -21.57 -27.02 17.18
CA ILE B 39 -22.22 -28.05 16.38
C ILE B 39 -21.32 -28.54 15.25
N ALA B 40 -20.61 -27.61 14.64
CA ALA B 40 -19.70 -27.93 13.54
C ALA B 40 -18.49 -27.01 13.58
N THR B 41 -17.34 -27.55 13.21
CA THR B 41 -16.11 -26.77 13.18
C THR B 41 -15.24 -27.30 12.04
N ALA B 42 -14.29 -26.50 11.61
CA ALA B 42 -13.38 -26.90 10.53
C ALA B 42 -11.96 -26.50 10.89
N VAL B 43 -11.00 -26.99 10.13
CA VAL B 43 -9.60 -26.67 10.41
C VAL B 43 -9.03 -25.67 9.43
N CYS B 44 -8.42 -24.63 9.97
CA CYS B 44 -7.79 -23.59 9.16
C CYS B 44 -6.28 -23.79 9.29
N HIS B 45 -5.53 -23.36 8.29
CA HIS B 45 -4.08 -23.51 8.32
C HIS B 45 -3.50 -22.85 9.57
N THR B 46 -4.16 -21.82 10.08
CA THR B 46 -3.65 -21.16 11.27
C THR B 46 -3.68 -22.10 12.46
N ASP B 47 -4.73 -22.91 12.57
CA ASP B 47 -4.82 -23.87 13.67
C ASP B 47 -3.59 -24.78 13.59
N ALA B 48 -3.33 -25.29 12.40
CA ALA B 48 -2.18 -26.17 12.19
C ALA B 48 -0.89 -25.45 12.52
N TYR B 49 -0.79 -24.19 12.10
CA TYR B 49 0.40 -23.41 12.36
C TYR B 49 0.72 -23.34 13.85
N THR B 50 -0.29 -23.02 14.65
CA THR B 50 -0.10 -22.94 16.08
C THR B 50 0.25 -24.30 16.65
N LEU B 51 -0.43 -25.34 16.17
CA LEU B 51 -0.19 -26.70 16.66
C LEU B 51 1.23 -27.20 16.41
N SER B 52 1.82 -26.78 15.29
CA SER B 52 3.17 -27.21 14.93
C SER B 52 4.23 -26.75 15.93
N GLY B 53 3.96 -25.64 16.61
CA GLY B 53 4.91 -25.13 17.56
C GLY B 53 5.74 -24.01 16.94
N ALA B 54 5.45 -23.71 15.68
CA ALA B 54 6.17 -22.67 14.95
C ALA B 54 5.75 -21.26 15.38
N ASP B 55 4.57 -21.15 15.96
CA ASP B 55 4.05 -19.86 16.40
C ASP B 55 4.63 -19.45 17.75
N PRO B 56 5.53 -18.45 17.74
CA PRO B 56 6.17 -17.97 18.96
C PRO B 56 5.17 -17.44 19.99
N GLU B 57 3.93 -17.25 19.56
CA GLU B 57 2.89 -16.75 20.44
C GLU B 57 2.01 -17.88 21.00
N GLY B 58 2.19 -19.09 20.47
CA GLY B 58 1.40 -20.23 20.91
C GLY B 58 1.79 -20.85 22.23
N CYS B 59 0.78 -21.08 23.07
CA CYS B 59 0.94 -21.65 24.41
C CYS B 59 0.07 -22.90 24.61
N PHE B 60 0.57 -23.84 25.41
CA PHE B 60 -0.13 -25.09 25.68
C PHE B 60 -0.19 -25.34 27.18
N PRO B 61 -1.14 -26.18 27.64
CA PRO B 61 -2.13 -26.90 26.82
C PRO B 61 -3.19 -25.90 26.36
N VAL B 62 -3.83 -26.19 25.23
CA VAL B 62 -4.82 -25.28 24.63
C VAL B 62 -5.83 -25.99 23.73
N ILE B 63 -7.03 -25.41 23.63
CA ILE B 63 -8.09 -25.93 22.77
C ILE B 63 -8.15 -25.00 21.56
N LEU B 64 -7.73 -25.51 20.40
CA LEU B 64 -7.70 -24.72 19.18
C LEU B 64 -9.05 -24.65 18.46
N GLY B 65 -9.02 -24.15 17.22
CA GLY B 65 -10.23 -24.04 16.43
C GLY B 65 -10.84 -22.67 16.46
N HIS B 66 -11.04 -22.08 15.28
CA HIS B 66 -11.65 -20.74 15.19
C HIS B 66 -12.68 -20.62 14.06
N GLU B 67 -12.99 -21.73 13.41
CA GLU B 67 -14.00 -21.76 12.36
C GLU B 67 -15.09 -22.69 12.91
N GLY B 68 -16.12 -22.10 13.51
CA GLY B 68 -17.17 -22.92 14.07
C GLY B 68 -18.53 -22.26 13.99
N ALA B 69 -19.56 -23.04 14.33
CA ALA B 69 -20.93 -22.57 14.32
C ALA B 69 -21.66 -23.42 15.36
N GLY B 70 -22.48 -22.77 16.17
CA GLY B 70 -23.19 -23.51 17.19
C GLY B 70 -24.44 -22.82 17.69
N ILE B 71 -24.82 -23.15 18.92
CA ILE B 71 -26.01 -22.60 19.54
C ILE B 71 -25.68 -22.10 20.94
N VAL B 72 -26.19 -20.94 21.30
CA VAL B 72 -25.92 -20.40 22.62
C VAL B 72 -26.54 -21.33 23.67
N GLU B 73 -25.71 -21.85 24.56
CA GLU B 73 -26.18 -22.74 25.62
C GLU B 73 -26.63 -21.91 26.82
N SER B 74 -25.90 -20.84 27.12
CA SER B 74 -26.25 -19.94 28.21
C SER B 74 -25.42 -18.68 28.14
N VAL B 75 -25.85 -17.64 28.84
CA VAL B 75 -25.13 -16.39 28.85
C VAL B 75 -24.87 -15.92 30.26
N GLY B 76 -23.85 -15.08 30.40
CA GLY B 76 -23.52 -14.57 31.71
C GLY B 76 -24.28 -13.30 32.03
N GLU B 77 -24.03 -12.78 33.22
CA GLU B 77 -24.64 -11.57 33.71
C GLU B 77 -24.31 -10.38 32.80
N GLY B 78 -25.31 -9.55 32.54
CA GLY B 78 -25.10 -8.37 31.70
C GLY B 78 -25.40 -8.58 30.23
N VAL B 79 -25.52 -9.84 29.82
CA VAL B 79 -25.81 -10.16 28.42
C VAL B 79 -27.31 -10.17 28.16
N THR B 80 -27.76 -9.34 27.23
CA THR B 80 -29.19 -9.27 26.89
C THR B 80 -29.46 -9.44 25.40
N LYS B 81 -28.45 -9.20 24.57
CA LYS B 81 -28.62 -9.32 23.12
C LYS B 81 -28.64 -10.78 22.70
N LEU B 82 -27.98 -11.62 23.49
CA LEU B 82 -27.91 -13.04 23.19
C LEU B 82 -28.61 -13.82 24.27
N LYS B 83 -29.19 -14.95 23.89
CA LYS B 83 -29.87 -15.81 24.84
C LYS B 83 -29.74 -17.25 24.40
N ALA B 84 -30.03 -18.16 25.33
CA ALA B 84 -29.96 -19.58 25.05
C ALA B 84 -30.81 -19.89 23.84
N GLY B 85 -30.28 -20.70 22.93
CA GLY B 85 -31.04 -21.05 21.74
C GLY B 85 -30.66 -20.29 20.48
N ASP B 86 -30.05 -19.12 20.64
CA ASP B 86 -29.63 -18.33 19.48
C ASP B 86 -28.61 -19.06 18.65
N THR B 87 -28.75 -18.98 17.33
CA THR B 87 -27.83 -19.62 16.39
C THR B 87 -26.67 -18.64 16.19
N VAL B 88 -25.45 -19.12 16.43
CA VAL B 88 -24.29 -18.24 16.34
C VAL B 88 -23.01 -18.79 15.75
N ILE B 89 -22.08 -17.87 15.49
CA ILE B 89 -20.75 -18.17 14.99
C ILE B 89 -19.76 -17.41 15.86
N PRO B 90 -18.79 -18.12 16.46
CA PRO B 90 -17.77 -17.51 17.32
C PRO B 90 -16.88 -16.61 16.46
N LEU B 91 -16.38 -15.52 17.03
CA LEU B 91 -15.54 -14.60 16.27
C LEU B 91 -14.17 -14.36 16.88
N TYR B 92 -13.11 -14.60 16.11
CA TYR B 92 -11.77 -14.36 16.65
C TYR B 92 -11.42 -12.88 16.54
N ILE B 93 -12.19 -12.17 15.71
CA ILE B 93 -12.03 -10.73 15.59
C ILE B 93 -13.35 -10.23 16.18
N PRO B 94 -13.33 -9.73 17.42
CA PRO B 94 -14.56 -9.27 18.04
C PRO B 94 -15.00 -7.91 17.51
N GLN B 95 -16.06 -7.37 18.11
CA GLN B 95 -16.57 -6.06 17.75
C GLN B 95 -17.29 -5.47 18.95
N CYS B 96 -16.54 -4.83 19.84
CA CYS B 96 -17.12 -4.23 21.03
C CYS B 96 -17.98 -3.03 20.62
N GLY B 97 -17.66 -2.46 19.47
CA GLY B 97 -18.39 -1.33 18.95
C GLY B 97 -18.19 -0.02 19.68
N GLU B 98 -17.27 0.00 20.65
CA GLU B 98 -17.03 1.21 21.41
C GLU B 98 -15.58 1.68 21.41
N CYS B 99 -14.67 0.82 20.98
CA CYS B 99 -13.27 1.22 20.98
C CYS B 99 -12.92 2.09 19.79
N LYS B 100 -11.69 2.57 19.80
CA LYS B 100 -11.15 3.44 18.77
C LYS B 100 -11.25 2.79 17.39
N PHE B 101 -10.95 1.51 17.31
CA PHE B 101 -11.00 0.79 16.05
C PHE B 101 -12.42 0.51 15.58
N CYS B 102 -13.29 0.06 16.47
CA CYS B 102 -14.67 -0.23 16.09
C CYS B 102 -15.37 1.05 15.60
N LEU B 103 -15.01 2.18 16.20
CA LEU B 103 -15.60 3.46 15.84
C LEU B 103 -15.07 4.02 14.52
N ASN B 104 -13.95 3.49 14.06
CA ASN B 104 -13.34 3.94 12.81
C ASN B 104 -13.78 3.04 11.65
N PRO B 105 -14.48 3.61 10.66
CA PRO B 105 -14.99 2.90 9.48
C PRO B 105 -13.93 2.18 8.66
N LYS B 106 -12.68 2.60 8.77
CA LYS B 106 -11.59 2.01 7.99
C LYS B 106 -10.98 0.74 8.52
N THR B 107 -11.46 0.23 9.64
CA THR B 107 -10.87 -0.99 10.19
C THR B 107 -11.87 -1.85 10.94
N ASN B 108 -11.51 -3.11 11.13
CA ASN B 108 -12.37 -4.05 11.85
C ASN B 108 -11.61 -4.67 13.01
N LEU B 109 -10.39 -4.21 13.24
CA LEU B 109 -9.54 -4.76 14.29
C LEU B 109 -9.83 -4.29 15.72
N CYS B 110 -10.97 -4.67 16.26
CA CYS B 110 -11.36 -4.31 17.62
C CYS B 110 -10.23 -4.73 18.58
N GLN B 111 -9.84 -3.82 19.47
CA GLN B 111 -8.74 -4.08 20.42
C GLN B 111 -9.18 -4.29 21.87
N LYS B 112 -10.47 -4.19 22.13
CA LYS B 112 -11.02 -4.33 23.47
C LYS B 112 -10.49 -5.51 24.32
N ILE B 113 -10.36 -6.68 23.73
CA ILE B 113 -9.93 -7.87 24.52
C ILE B 113 -8.72 -8.60 23.91
N ARG B 114 -7.98 -7.91 23.09
CA ARG B 114 -6.82 -8.48 22.39
C ARG B 114 -5.78 -9.10 23.35
N VAL B 115 -5.45 -8.33 24.38
CA VAL B 115 -4.41 -8.72 25.36
C VAL B 115 -4.69 -10.08 25.98
N THR B 116 -5.86 -10.21 26.54
CA THR B 116 -6.23 -11.46 27.20
C THR B 116 -6.42 -12.57 26.17
N GLN B 117 -6.98 -12.23 25.00
CA GLN B 117 -7.19 -13.24 23.98
C GLN B 117 -5.87 -13.84 23.49
N GLY B 118 -4.83 -13.00 23.42
CA GLY B 118 -3.53 -13.48 22.98
C GLY B 118 -2.93 -14.44 24.00
N LYS B 119 -3.35 -14.30 25.25
CA LYS B 119 -2.85 -15.15 26.31
C LYS B 119 -3.77 -16.36 26.49
N GLY B 120 -4.76 -16.47 25.61
CA GLY B 120 -5.70 -17.57 25.69
C GLY B 120 -6.58 -17.52 26.92
N LEU B 121 -6.95 -16.31 27.33
CA LEU B 121 -7.79 -16.11 28.51
C LEU B 121 -9.02 -15.27 28.19
N MET B 122 -10.04 -15.37 29.02
CA MET B 122 -11.24 -14.56 28.85
C MET B 122 -10.85 -13.14 29.30
N PRO B 123 -11.70 -12.15 29.04
CA PRO B 123 -11.41 -10.76 29.42
C PRO B 123 -11.02 -10.55 30.88
N ASP B 124 -11.58 -11.35 31.78
CA ASP B 124 -11.26 -11.19 33.20
C ASP B 124 -9.91 -11.78 33.58
N GLY B 125 -9.16 -12.24 32.57
CA GLY B 125 -7.84 -12.80 32.84
C GLY B 125 -7.75 -14.26 33.24
N THR B 126 -8.85 -15.00 33.18
CA THR B 126 -8.82 -16.43 33.53
C THR B 126 -9.39 -17.30 32.42
N SER B 127 -9.07 -18.59 32.47
CA SER B 127 -9.57 -19.54 31.50
C SER B 127 -10.79 -20.26 32.03
N ARG B 128 -11.68 -20.61 31.12
CA ARG B 128 -12.91 -21.29 31.46
C ARG B 128 -12.78 -22.80 31.28
N PHE B 129 -11.61 -23.24 30.79
CA PHE B 129 -11.36 -24.67 30.55
C PHE B 129 -10.38 -25.34 31.51
N THR B 130 -10.71 -26.56 31.94
CA THR B 130 -9.83 -27.35 32.79
C THR B 130 -9.92 -28.80 32.31
N CYS B 131 -8.88 -29.57 32.55
CA CYS B 131 -8.83 -30.96 32.13
C CYS B 131 -7.82 -31.73 32.97
N LYS B 132 -8.29 -32.74 33.69
CA LYS B 132 -7.42 -33.54 34.55
C LYS B 132 -6.61 -32.65 35.48
N GLY B 133 -7.31 -31.72 36.14
CA GLY B 133 -6.69 -30.81 37.08
C GLY B 133 -5.82 -29.71 36.49
N LYS B 134 -5.74 -29.63 35.17
CA LYS B 134 -4.92 -28.61 34.56
C LYS B 134 -5.74 -27.55 33.85
N THR B 135 -5.22 -26.33 33.84
CA THR B 135 -5.90 -25.23 33.17
C THR B 135 -5.60 -25.38 31.68
N ILE B 136 -6.62 -25.28 30.85
CA ILE B 136 -6.43 -25.39 29.41
C ILE B 136 -6.74 -24.02 28.84
N LEU B 137 -5.88 -23.53 27.97
CA LEU B 137 -6.06 -22.21 27.38
C LEU B 137 -7.08 -22.10 26.25
N HIS B 138 -7.59 -20.88 26.09
CA HIS B 138 -8.54 -20.57 25.04
C HIS B 138 -7.65 -20.26 23.84
N TYR B 139 -8.23 -20.25 22.64
CA TYR B 139 -7.45 -19.96 21.43
C TYR B 139 -8.22 -19.02 20.53
N MET B 140 -7.58 -17.91 20.16
CA MET B 140 -8.16 -16.92 19.28
C MET B 140 -9.55 -16.47 19.73
N GLY B 141 -9.77 -16.52 21.04
CA GLY B 141 -11.04 -16.12 21.62
C GLY B 141 -12.22 -17.01 21.30
N THR B 142 -11.95 -18.11 20.58
CA THR B 142 -13.02 -19.01 20.15
C THR B 142 -12.99 -20.46 20.65
N SER B 143 -11.84 -21.13 20.53
CA SER B 143 -11.70 -22.53 20.95
C SER B 143 -12.89 -23.37 20.48
N THR B 144 -13.09 -23.45 19.17
CA THR B 144 -14.21 -24.21 18.61
C THR B 144 -14.06 -25.72 18.61
N PHE B 145 -12.88 -26.24 18.97
CA PHE B 145 -12.67 -27.69 18.99
C PHE B 145 -13.11 -28.29 20.32
N SER B 146 -14.34 -27.99 20.70
CA SER B 146 -14.92 -28.48 21.95
C SER B 146 -16.43 -28.54 21.79
N GLU B 147 -17.09 -29.42 22.55
CA GLU B 147 -18.54 -29.52 22.46
C GLU B 147 -19.16 -28.24 23.00
N TYR B 148 -18.46 -27.60 23.93
CA TYR B 148 -18.90 -26.34 24.52
C TYR B 148 -17.70 -25.43 24.75
N THR B 149 -17.85 -24.17 24.34
CA THR B 149 -16.80 -23.18 24.52
C THR B 149 -17.40 -21.94 25.15
N VAL B 150 -16.57 -21.10 25.76
CA VAL B 150 -17.04 -19.86 26.35
C VAL B 150 -16.26 -18.73 25.70
N VAL B 151 -16.98 -17.76 25.17
CA VAL B 151 -16.35 -16.62 24.50
C VAL B 151 -16.84 -15.30 25.07
N ALA B 152 -16.09 -14.23 24.79
CA ALA B 152 -16.47 -12.90 25.24
C ALA B 152 -17.77 -12.61 24.51
N ASP B 153 -18.70 -11.88 25.12
CA ASP B 153 -19.96 -11.61 24.46
C ASP B 153 -19.82 -10.72 23.23
N ILE B 154 -18.65 -10.09 23.08
CA ILE B 154 -18.43 -9.25 21.90
C ILE B 154 -17.79 -10.08 20.79
N SER B 155 -17.65 -11.38 21.02
CA SER B 155 -17.06 -12.30 20.04
C SER B 155 -18.15 -13.23 19.49
N VAL B 156 -19.36 -12.72 19.38
CA VAL B 156 -20.47 -13.53 18.92
C VAL B 156 -21.32 -12.88 17.85
N ALA B 157 -21.62 -13.63 16.80
CA ALA B 157 -22.46 -13.14 15.72
C ALA B 157 -23.72 -13.98 15.75
N LYS B 158 -24.88 -13.33 15.89
CA LYS B 158 -26.15 -14.03 15.91
C LYS B 158 -26.59 -14.15 14.46
N ILE B 159 -26.78 -15.38 13.99
CA ILE B 159 -27.15 -15.58 12.60
C ILE B 159 -28.52 -16.20 12.34
N ASP B 160 -28.87 -16.31 11.07
CA ASP B 160 -30.14 -16.88 10.64
C ASP B 160 -30.35 -18.27 11.26
N PRO B 161 -31.43 -18.44 12.04
CA PRO B 161 -31.77 -19.69 12.71
C PRO B 161 -31.88 -20.90 11.78
N LEU B 162 -32.04 -20.65 10.48
CA LEU B 162 -32.18 -21.72 9.50
C LEU B 162 -30.89 -22.11 8.81
N ALA B 163 -29.82 -21.37 9.07
CA ALA B 163 -28.53 -21.64 8.45
C ALA B 163 -27.98 -23.03 8.83
N PRO B 164 -27.51 -23.80 7.85
CA PRO B 164 -26.95 -25.12 8.17
C PRO B 164 -25.57 -24.91 8.78
N LEU B 165 -25.43 -25.20 10.06
CA LEU B 165 -24.18 -24.99 10.77
C LEU B 165 -22.98 -25.81 10.26
N ASP B 166 -23.27 -26.98 9.69
CA ASP B 166 -22.22 -27.83 9.14
C ASP B 166 -21.66 -27.20 7.86
N LYS B 167 -22.17 -26.02 7.56
CA LYS B 167 -21.76 -25.27 6.38
C LYS B 167 -21.23 -23.90 6.76
N VAL B 168 -22.08 -23.07 7.39
CA VAL B 168 -21.67 -21.71 7.76
C VAL B 168 -20.52 -21.60 8.75
N CYS B 169 -20.12 -22.70 9.37
CA CYS B 169 -18.98 -22.62 10.29
C CYS B 169 -17.76 -22.12 9.50
N LEU B 170 -17.72 -22.40 8.20
CA LEU B 170 -16.62 -21.96 7.37
C LEU B 170 -16.56 -20.44 7.23
N LEU B 171 -17.65 -19.76 7.57
CA LEU B 171 -17.67 -18.30 7.49
C LEU B 171 -16.95 -17.74 8.70
N GLY B 172 -16.49 -18.63 9.58
CA GLY B 172 -15.77 -18.21 10.76
C GLY B 172 -14.38 -17.67 10.42
N CYS B 173 -13.87 -17.97 9.23
CA CYS B 173 -12.56 -17.46 8.84
C CYS B 173 -12.21 -17.47 7.34
N GLY B 174 -11.92 -18.66 6.82
CA GLY B 174 -11.54 -18.79 5.42
C GLY B 174 -12.34 -18.04 4.37
N ILE B 175 -13.58 -18.46 4.16
CA ILE B 175 -14.45 -17.82 3.17
C ILE B 175 -14.57 -16.31 3.37
N SER B 176 -14.88 -15.91 4.59
CA SER B 176 -15.05 -14.48 4.90
C SER B 176 -13.81 -13.66 4.60
N THR B 177 -12.64 -14.18 4.96
CA THR B 177 -11.39 -13.48 4.74
C THR B 177 -11.11 -13.28 3.26
N GLY B 178 -11.20 -14.37 2.49
CA GLY B 178 -10.95 -14.28 1.07
C GLY B 178 -11.99 -13.41 0.36
N TYR B 179 -13.26 -13.63 0.68
CA TYR B 179 -14.34 -12.86 0.07
C TYR B 179 -14.16 -11.38 0.39
N GLY B 180 -13.92 -11.08 1.66
CA GLY B 180 -13.74 -9.70 2.07
C GLY B 180 -12.50 -9.03 1.49
N ALA B 181 -11.42 -9.81 1.32
CA ALA B 181 -10.19 -9.24 0.75
C ALA B 181 -10.49 -8.63 -0.60
N ALA B 182 -11.38 -9.25 -1.35
CA ALA B 182 -11.75 -8.74 -2.66
C ALA B 182 -12.72 -7.56 -2.60
N VAL B 183 -13.84 -7.75 -1.90
CA VAL B 183 -14.86 -6.69 -1.84
C VAL B 183 -14.67 -5.58 -0.82
N ASN B 184 -13.85 -5.80 0.20
CA ASN B 184 -13.63 -4.78 1.22
C ASN B 184 -12.27 -4.10 1.11
N THR B 185 -11.22 -4.91 1.07
CA THR B 185 -9.87 -4.36 1.01
C THR B 185 -9.53 -3.81 -0.37
N ALA B 186 -9.71 -4.63 -1.41
CA ALA B 186 -9.41 -4.18 -2.75
C ALA B 186 -10.54 -3.33 -3.33
N LYS B 187 -11.78 -3.73 -3.07
CA LYS B 187 -12.93 -3.02 -3.61
C LYS B 187 -12.73 -2.91 -5.11
N LEU B 188 -12.41 -4.03 -5.75
CA LEU B 188 -12.16 -4.02 -7.19
C LEU B 188 -13.40 -3.63 -7.98
N GLU B 189 -13.15 -2.91 -9.08
CA GLU B 189 -14.23 -2.43 -9.94
C GLU B 189 -14.61 -3.45 -11.02
N PRO B 190 -15.84 -3.37 -11.52
CA PRO B 190 -16.29 -4.30 -12.57
C PRO B 190 -15.33 -4.16 -13.75
N GLY B 191 -14.91 -5.29 -14.30
CA GLY B 191 -14.00 -5.25 -15.44
C GLY B 191 -12.53 -5.41 -15.06
N SER B 192 -12.24 -5.39 -13.76
CA SER B 192 -10.87 -5.51 -13.27
C SER B 192 -10.20 -6.83 -13.65
N VAL B 193 -8.88 -6.77 -13.78
CA VAL B 193 -8.08 -7.94 -14.11
C VAL B 193 -7.39 -8.34 -12.80
N CYS B 194 -7.67 -9.54 -12.31
CA CYS B 194 -7.11 -10.00 -11.05
C CYS B 194 -6.28 -11.28 -11.14
N ALA B 195 -5.36 -11.42 -10.19
CA ALA B 195 -4.49 -12.58 -10.08
C ALA B 195 -4.60 -13.06 -8.63
N VAL B 196 -4.75 -14.36 -8.45
CA VAL B 196 -4.88 -14.93 -7.10
C VAL B 196 -3.81 -15.99 -6.88
N PHE B 197 -2.91 -15.75 -5.93
CA PHE B 197 -1.84 -16.70 -5.63
C PHE B 197 -2.20 -17.60 -4.45
N GLY B 198 -2.39 -18.89 -4.74
CA GLY B 198 -2.76 -19.84 -3.70
C GLY B 198 -4.22 -20.18 -3.90
N LEU B 199 -4.48 -21.39 -4.39
CA LEU B 199 -5.85 -21.80 -4.67
C LEU B 199 -6.51 -22.69 -3.63
N GLY B 200 -6.22 -22.41 -2.36
CA GLY B 200 -6.82 -23.17 -1.28
C GLY B 200 -8.14 -22.48 -0.93
N GLY B 201 -8.66 -22.76 0.25
CA GLY B 201 -9.93 -22.15 0.66
C GLY B 201 -9.99 -20.64 0.49
N VAL B 202 -9.03 -19.95 1.09
CA VAL B 202 -8.98 -18.49 1.01
C VAL B 202 -8.89 -18.02 -0.43
N GLY B 203 -7.98 -18.62 -1.19
CA GLY B 203 -7.84 -18.23 -2.58
C GLY B 203 -9.14 -18.37 -3.35
N LEU B 204 -9.86 -19.47 -3.12
CA LEU B 204 -11.13 -19.69 -3.81
C LEU B 204 -12.15 -18.63 -3.44
N ALA B 205 -12.16 -18.22 -2.17
CA ALA B 205 -13.10 -17.20 -1.73
C ALA B 205 -12.76 -15.87 -2.41
N VAL B 206 -11.46 -15.61 -2.58
CA VAL B 206 -11.04 -14.38 -3.26
C VAL B 206 -11.62 -14.39 -4.68
N ILE B 207 -11.45 -15.52 -5.38
CA ILE B 207 -11.97 -15.67 -6.73
C ILE B 207 -13.49 -15.43 -6.70
N MET B 208 -14.13 -16.02 -5.70
CA MET B 208 -15.58 -15.87 -5.55
C MET B 208 -15.92 -14.40 -5.45
N GLY B 209 -15.15 -13.68 -4.62
CA GLY B 209 -15.39 -12.26 -4.43
C GLY B 209 -15.13 -11.47 -5.71
N CYS B 210 -14.06 -11.83 -6.43
CA CYS B 210 -13.73 -11.15 -7.67
C CYS B 210 -14.84 -11.32 -8.70
N LYS B 211 -15.46 -12.50 -8.71
CA LYS B 211 -16.55 -12.77 -9.66
C LYS B 211 -17.79 -12.00 -9.23
N VAL B 212 -18.02 -11.89 -7.94
CA VAL B 212 -19.16 -11.15 -7.46
C VAL B 212 -18.98 -9.68 -7.82
N ALA B 213 -17.73 -9.22 -7.80
CA ALA B 213 -17.42 -7.83 -8.13
C ALA B 213 -17.45 -7.54 -9.63
N GLY B 214 -17.56 -8.60 -10.44
CA GLY B 214 -17.60 -8.43 -11.88
C GLY B 214 -16.26 -8.31 -12.57
N ALA B 215 -15.24 -8.97 -12.03
CA ALA B 215 -13.91 -8.93 -12.64
C ALA B 215 -13.99 -9.51 -14.05
N SER B 216 -13.25 -8.93 -14.99
CA SER B 216 -13.25 -9.42 -16.37
C SER B 216 -12.33 -10.63 -16.50
N ARG B 217 -11.24 -10.64 -15.75
CA ARG B 217 -10.28 -11.74 -15.78
C ARG B 217 -9.87 -12.09 -14.34
N ILE B 218 -9.78 -13.37 -14.05
CA ILE B 218 -9.38 -13.83 -12.74
C ILE B 218 -8.38 -14.96 -12.99
N ILE B 219 -7.10 -14.64 -12.84
CA ILE B 219 -6.03 -15.61 -13.08
C ILE B 219 -5.59 -16.30 -11.81
N GLY B 220 -5.82 -17.61 -11.75
CA GLY B 220 -5.42 -18.39 -10.59
C GLY B 220 -3.98 -18.83 -10.72
N VAL B 221 -3.22 -18.73 -9.64
CA VAL B 221 -1.81 -19.13 -9.66
C VAL B 221 -1.51 -20.12 -8.55
N ASP B 222 -1.03 -21.29 -8.94
CA ASP B 222 -0.69 -22.32 -7.96
C ASP B 222 0.20 -23.35 -8.61
N ILE B 223 1.18 -23.86 -7.87
CA ILE B 223 2.08 -24.87 -8.42
C ILE B 223 1.40 -26.23 -8.46
N ASN B 224 0.23 -26.33 -7.82
CA ASN B 224 -0.51 -27.59 -7.79
C ASN B 224 -1.71 -27.53 -8.73
N LYS B 225 -1.52 -28.01 -9.94
CA LYS B 225 -2.56 -28.00 -10.97
C LYS B 225 -3.87 -28.68 -10.55
N ASP B 226 -3.82 -29.58 -9.57
CA ASP B 226 -5.04 -30.27 -9.12
C ASP B 226 -6.08 -29.32 -8.58
N LYS B 227 -5.64 -28.12 -8.19
CA LYS B 227 -6.54 -27.12 -7.64
C LYS B 227 -7.17 -26.23 -8.70
N PHE B 228 -6.68 -26.35 -9.93
CA PHE B 228 -7.18 -25.52 -11.03
C PHE B 228 -8.65 -25.70 -11.33
N ALA B 229 -9.09 -26.95 -11.46
CA ALA B 229 -10.49 -27.26 -11.77
C ALA B 229 -11.48 -26.52 -10.86
N ARG B 230 -11.29 -26.64 -9.55
CA ARG B 230 -12.20 -25.99 -8.62
C ARG B 230 -12.07 -24.47 -8.71
N ALA B 231 -10.85 -23.99 -8.93
CA ALA B 231 -10.63 -22.55 -9.05
C ALA B 231 -11.49 -22.03 -10.21
N LYS B 232 -11.52 -22.79 -11.31
CA LYS B 232 -12.32 -22.37 -12.46
C LYS B 232 -13.80 -22.40 -12.13
N GLU B 233 -14.23 -23.42 -11.41
CA GLU B 233 -15.63 -23.54 -11.02
C GLU B 233 -16.04 -22.32 -10.20
N PHE B 234 -15.10 -21.77 -9.43
CA PHE B 234 -15.38 -20.61 -8.60
C PHE B 234 -15.36 -19.29 -9.35
N GLY B 235 -14.85 -19.30 -10.59
CA GLY B 235 -14.82 -18.09 -11.37
C GLY B 235 -13.51 -17.78 -12.08
N ALA B 236 -12.46 -18.55 -11.79
CA ALA B 236 -11.17 -18.30 -12.43
C ALA B 236 -11.27 -18.45 -13.94
N THR B 237 -10.93 -17.39 -14.67
CA THR B 237 -11.00 -17.43 -16.12
C THR B 237 -9.85 -18.26 -16.68
N GLU B 238 -8.78 -18.38 -15.91
CA GLU B 238 -7.64 -19.19 -16.31
C GLU B 238 -6.68 -19.39 -15.12
N CYS B 239 -5.91 -20.47 -15.16
CA CYS B 239 -4.96 -20.79 -14.10
C CYS B 239 -3.59 -21.06 -14.68
N ILE B 240 -2.55 -20.60 -13.97
CA ILE B 240 -1.21 -20.80 -14.43
C ILE B 240 -0.34 -21.46 -13.37
N ASN B 241 0.53 -22.36 -13.81
CA ASN B 241 1.43 -23.05 -12.91
C ASN B 241 2.81 -22.43 -13.04
N PRO B 242 3.28 -21.76 -11.97
CA PRO B 242 4.61 -21.13 -12.00
C PRO B 242 5.71 -22.06 -12.50
N GLN B 243 5.57 -23.34 -12.21
CA GLN B 243 6.58 -24.31 -12.63
C GLN B 243 6.61 -24.52 -14.15
N ASP B 244 5.57 -24.07 -14.86
CA ASP B 244 5.54 -24.21 -16.31
C ASP B 244 6.32 -23.11 -17.00
N PHE B 245 6.81 -22.13 -16.24
CA PHE B 245 7.57 -21.03 -16.80
C PHE B 245 8.99 -21.00 -16.30
N SER B 246 9.89 -20.43 -17.09
CA SER B 246 11.31 -20.36 -16.73
C SER B 246 11.72 -18.97 -16.26
N LYS B 247 10.75 -18.07 -16.11
CA LYS B 247 11.03 -16.72 -15.66
C LYS B 247 10.11 -16.35 -14.51
N PRO B 248 10.45 -15.29 -13.75
CA PRO B 248 9.64 -14.86 -12.62
C PRO B 248 8.15 -14.80 -12.93
N ILE B 249 7.35 -15.36 -12.02
CA ILE B 249 5.91 -15.39 -12.19
C ILE B 249 5.34 -13.99 -12.46
N GLN B 250 5.98 -12.96 -11.88
CA GLN B 250 5.53 -11.58 -12.10
C GLN B 250 5.59 -11.25 -13.58
N GLU B 251 6.72 -11.58 -14.19
CA GLU B 251 6.91 -11.31 -15.61
C GLU B 251 5.88 -12.05 -16.44
N VAL B 252 5.57 -13.28 -16.05
CA VAL B 252 4.59 -14.08 -16.76
C VAL B 252 3.23 -13.36 -16.73
N LEU B 253 2.83 -12.89 -15.56
CA LEU B 253 1.56 -12.19 -15.42
C LEU B 253 1.55 -10.85 -16.15
N ILE B 254 2.66 -10.14 -16.08
CA ILE B 254 2.77 -8.85 -16.77
C ILE B 254 2.55 -9.05 -18.27
N GLU B 255 3.32 -9.97 -18.86
CA GLU B 255 3.22 -10.27 -20.29
C GLU B 255 1.83 -10.78 -20.66
N MET B 256 1.23 -11.51 -19.73
CA MET B 256 -0.09 -12.11 -19.89
C MET B 256 -1.23 -11.10 -19.84
N THR B 257 -1.00 -9.96 -19.19
CA THR B 257 -2.03 -8.94 -19.07
C THR B 257 -1.62 -7.59 -19.67
N ASP B 258 -0.55 -7.59 -20.45
CA ASP B 258 -0.07 -6.37 -21.08
C ASP B 258 0.24 -5.25 -20.07
N GLY B 259 1.08 -5.57 -19.08
CA GLY B 259 1.44 -4.57 -18.09
C GLY B 259 1.29 -5.03 -16.64
N GLY B 260 0.34 -5.92 -16.39
CA GLY B 260 0.14 -6.40 -15.03
C GLY B 260 -1.33 -6.37 -14.66
N VAL B 261 -1.69 -7.03 -13.56
CA VAL B 261 -3.08 -7.07 -13.13
C VAL B 261 -3.46 -5.83 -12.33
N ASP B 262 -4.75 -5.51 -12.31
CA ASP B 262 -5.24 -4.36 -11.56
C ASP B 262 -5.20 -4.71 -10.07
N TYR B 263 -5.44 -5.98 -9.76
CA TYR B 263 -5.43 -6.45 -8.38
C TYR B 263 -4.86 -7.86 -8.23
N SER B 264 -3.99 -8.05 -7.26
CA SER B 264 -3.42 -9.36 -6.99
C SER B 264 -3.67 -9.68 -5.51
N PHE B 265 -3.78 -10.96 -5.18
CA PHE B 265 -4.01 -11.36 -3.80
C PHE B 265 -3.13 -12.55 -3.46
N GLU B 266 -2.36 -12.44 -2.38
CA GLU B 266 -1.51 -13.53 -1.96
C GLU B 266 -2.25 -14.24 -0.84
N CYS B 267 -2.59 -15.51 -1.06
CA CYS B 267 -3.34 -16.28 -0.09
C CYS B 267 -2.59 -17.50 0.40
N ILE B 268 -1.28 -17.35 0.58
CA ILE B 268 -0.44 -18.46 1.01
C ILE B 268 0.32 -18.15 2.28
N GLY B 269 0.87 -16.95 2.36
CA GLY B 269 1.65 -16.56 3.52
C GLY B 269 3.13 -16.71 3.21
N ASN B 270 3.44 -16.74 1.92
CA ASN B 270 4.81 -16.87 1.46
C ASN B 270 5.34 -15.50 1.05
N VAL B 271 6.33 -15.01 1.77
CA VAL B 271 6.90 -13.70 1.50
C VAL B 271 7.42 -13.50 0.07
N LYS B 272 8.00 -14.54 -0.52
CA LYS B 272 8.51 -14.43 -1.88
C LYS B 272 7.36 -14.27 -2.87
N VAL B 273 6.25 -14.97 -2.59
CA VAL B 273 5.08 -14.88 -3.45
C VAL B 273 4.42 -13.52 -3.28
N MET B 274 4.51 -12.97 -2.08
CA MET B 274 3.93 -11.66 -1.80
C MET B 274 4.61 -10.62 -2.68
N ARG B 275 5.93 -10.69 -2.76
CA ARG B 275 6.68 -9.75 -3.58
C ARG B 275 6.25 -9.90 -5.03
N ALA B 276 6.22 -11.14 -5.51
CA ALA B 276 5.82 -11.41 -6.88
C ALA B 276 4.40 -10.93 -7.12
N ALA B 277 3.53 -11.11 -6.13
CA ALA B 277 2.14 -10.67 -6.27
C ALA B 277 2.09 -9.14 -6.42
N LEU B 278 2.97 -8.44 -5.71
CA LEU B 278 3.00 -6.97 -5.82
C LEU B 278 3.53 -6.53 -7.19
N GLU B 279 4.68 -7.09 -7.57
CA GLU B 279 5.30 -6.73 -8.84
C GLU B 279 4.53 -7.17 -10.08
N ALA B 280 3.55 -8.05 -9.89
CA ALA B 280 2.74 -8.51 -11.02
C ALA B 280 1.61 -7.52 -11.25
N CYS B 281 1.48 -6.56 -10.35
CA CYS B 281 0.44 -5.55 -10.47
C CYS B 281 0.81 -4.53 -11.54
N HIS B 282 -0.21 -4.05 -12.24
CA HIS B 282 -0.02 -3.08 -13.31
C HIS B 282 0.61 -1.79 -12.79
N LYS B 283 1.51 -1.23 -13.58
CA LYS B 283 2.17 0.02 -13.23
C LYS B 283 1.09 1.10 -13.09
N GLY B 284 1.38 2.12 -12.29
CA GLY B 284 0.45 3.21 -12.10
C GLY B 284 -0.75 3.05 -11.18
N TRP B 285 -1.43 1.90 -11.23
CA TRP B 285 -2.61 1.71 -10.40
C TRP B 285 -2.81 0.31 -9.81
N GLY B 286 -1.83 -0.56 -10.00
CA GLY B 286 -1.96 -1.91 -9.48
C GLY B 286 -2.00 -1.93 -7.97
N VAL B 287 -2.80 -2.84 -7.42
CA VAL B 287 -2.94 -2.98 -5.96
C VAL B 287 -2.82 -4.44 -5.58
N SER B 288 -1.92 -4.73 -4.64
CA SER B 288 -1.74 -6.09 -4.18
C SER B 288 -2.18 -6.22 -2.73
N VAL B 289 -2.96 -7.25 -2.44
CA VAL B 289 -3.46 -7.48 -1.09
C VAL B 289 -2.89 -8.74 -0.45
N VAL B 290 -2.20 -8.59 0.68
CA VAL B 290 -1.66 -9.74 1.38
C VAL B 290 -2.77 -10.29 2.27
N VAL B 291 -3.22 -11.51 1.97
CA VAL B 291 -4.28 -12.14 2.74
C VAL B 291 -3.70 -13.25 3.62
N GLY B 292 -2.63 -13.88 3.15
CA GLY B 292 -1.99 -14.96 3.89
C GLY B 292 -1.11 -14.53 5.06
N VAL B 293 -1.07 -15.37 6.09
CA VAL B 293 -0.27 -15.08 7.28
C VAL B 293 1.12 -15.72 7.26
N ALA B 294 2.14 -14.91 6.98
CA ALA B 294 3.52 -15.38 6.92
C ALA B 294 4.09 -15.78 8.28
N ALA B 295 5.04 -16.71 8.26
CA ALA B 295 5.67 -17.17 9.49
C ALA B 295 6.43 -16.02 10.13
N SER B 296 6.39 -15.96 11.46
CA SER B 296 7.06 -14.90 12.20
C SER B 296 8.50 -14.72 11.72
N GLY B 297 8.99 -13.49 11.80
CA GLY B 297 10.34 -13.19 11.40
C GLY B 297 10.47 -12.89 9.92
N GLU B 298 9.75 -13.64 9.08
CA GLU B 298 9.80 -13.43 7.64
C GLU B 298 9.32 -12.05 7.28
N GLU B 299 10.06 -11.35 6.42
CA GLU B 299 9.66 -10.03 6.00
C GLU B 299 9.58 -9.91 4.49
N ILE B 300 8.69 -9.04 4.01
CA ILE B 300 8.52 -8.84 2.59
C ILE B 300 9.43 -7.73 2.09
N ALA B 301 9.74 -7.77 0.80
CA ALA B 301 10.62 -6.77 0.23
C ALA B 301 10.30 -6.52 -1.24
N THR B 302 10.76 -5.37 -1.73
CA THR B 302 10.60 -4.99 -3.12
C THR B 302 11.39 -3.70 -3.27
N ARG B 303 11.43 -3.17 -4.48
CA ARG B 303 12.15 -1.93 -4.70
C ARG B 303 11.12 -0.81 -4.62
N PRO B 304 11.43 0.27 -3.88
CA PRO B 304 10.50 1.40 -3.73
C PRO B 304 9.97 1.91 -5.08
N PHE B 305 10.74 1.70 -6.13
CA PHE B 305 10.35 2.11 -7.46
C PHE B 305 8.99 1.51 -7.79
N GLN B 306 8.72 0.31 -7.28
CA GLN B 306 7.44 -0.35 -7.54
C GLN B 306 6.26 0.48 -7.01
N LEU B 307 6.47 1.10 -5.85
CA LEU B 307 5.42 1.92 -5.23
C LEU B 307 5.39 3.31 -5.86
N VAL B 308 6.57 3.88 -6.07
CA VAL B 308 6.65 5.21 -6.68
C VAL B 308 5.95 5.23 -8.03
N THR B 309 6.05 4.14 -8.78
CA THR B 309 5.40 4.11 -10.08
C THR B 309 3.95 3.66 -10.07
N GLY B 310 3.29 3.80 -8.91
CA GLY B 310 1.87 3.48 -8.84
C GLY B 310 1.31 2.23 -8.18
N ARG B 311 2.15 1.29 -7.77
CA ARG B 311 1.60 0.09 -7.14
C ARG B 311 1.38 0.34 -5.65
N THR B 312 0.39 -0.35 -5.09
CA THR B 312 0.03 -0.19 -3.69
C THR B 312 0.01 -1.54 -2.96
N TRP B 313 0.64 -1.59 -1.79
CA TRP B 313 0.68 -2.83 -1.02
C TRP B 313 -0.27 -2.75 0.17
N LYS B 314 -1.25 -3.64 0.19
CA LYS B 314 -2.24 -3.69 1.27
C LYS B 314 -2.30 -5.08 1.88
N GLY B 315 -3.01 -5.18 3.00
CA GLY B 315 -3.18 -6.44 3.69
C GLY B 315 -4.57 -6.45 4.27
N THR B 316 -5.00 -7.58 4.81
CA THR B 316 -6.33 -7.67 5.38
C THR B 316 -6.44 -8.76 6.42
N ALA B 317 -7.28 -8.53 7.42
CA ALA B 317 -7.50 -9.50 8.48
C ALA B 317 -9.00 -9.77 8.51
N PHE B 318 -9.36 -11.04 8.32
CA PHE B 318 -10.75 -11.45 8.30
C PHE B 318 -11.53 -10.61 7.27
N GLY B 319 -10.94 -10.44 6.10
CA GLY B 319 -11.57 -9.69 5.02
C GLY B 319 -12.05 -8.28 5.33
N GLY B 320 -11.55 -7.70 6.42
CA GLY B 320 -11.95 -6.34 6.77
C GLY B 320 -13.38 -6.21 7.27
N TRP B 321 -14.02 -7.34 7.56
CA TRP B 321 -15.40 -7.33 8.03
C TRP B 321 -15.54 -6.97 9.50
N LYS B 322 -16.35 -5.97 9.82
CA LYS B 322 -16.58 -5.67 11.23
C LYS B 322 -17.43 -6.89 11.59
N SER B 323 -16.79 -7.85 12.25
CA SER B 323 -17.35 -9.13 12.61
C SER B 323 -18.80 -9.27 13.05
N VAL B 324 -19.19 -8.64 14.14
CA VAL B 324 -20.56 -8.79 14.63
C VAL B 324 -21.62 -8.35 13.63
N GLU B 325 -21.35 -7.25 12.93
CA GLU B 325 -22.26 -6.69 11.92
C GLU B 325 -22.33 -7.54 10.66
N SER B 326 -21.16 -7.83 10.11
CA SER B 326 -21.01 -8.55 8.86
C SER B 326 -21.35 -10.02 8.78
N VAL B 327 -20.83 -10.82 9.70
CA VAL B 327 -21.08 -12.25 9.67
C VAL B 327 -22.56 -12.63 9.46
N PRO B 328 -23.48 -11.98 10.19
CA PRO B 328 -24.89 -12.35 9.96
C PRO B 328 -25.30 -12.07 8.52
N LYS B 329 -24.78 -10.98 7.96
CA LYS B 329 -25.11 -10.62 6.59
C LYS B 329 -24.47 -11.60 5.61
N LEU B 330 -23.26 -12.06 5.91
CA LEU B 330 -22.58 -13.01 5.06
C LEU B 330 -23.38 -14.32 5.04
N VAL B 331 -23.93 -14.70 6.20
CA VAL B 331 -24.74 -15.92 6.27
C VAL B 331 -25.98 -15.73 5.40
N SER B 332 -26.54 -14.53 5.43
CA SER B 332 -27.73 -14.23 4.63
C SER B 332 -27.39 -14.27 3.14
N GLU B 333 -26.18 -13.85 2.78
CA GLU B 333 -25.75 -13.85 1.39
C GLU B 333 -25.62 -15.30 0.92
N TYR B 334 -25.24 -16.18 1.84
CA TYR B 334 -25.12 -17.59 1.52
C TYR B 334 -26.51 -18.18 1.35
N MET B 335 -27.39 -17.82 2.28
CA MET B 335 -28.77 -18.31 2.26
C MET B 335 -29.47 -17.89 0.95
N SER B 336 -29.23 -16.67 0.51
CA SER B 336 -29.86 -16.17 -0.71
C SER B 336 -29.05 -16.56 -1.96
N LYS B 337 -28.05 -17.39 -1.76
CA LYS B 337 -27.21 -17.87 -2.86
C LYS B 337 -26.37 -16.80 -3.56
N LYS B 338 -26.09 -15.70 -2.87
CA LYS B 338 -25.26 -14.66 -3.44
C LYS B 338 -23.80 -15.13 -3.42
N ILE B 339 -23.44 -15.87 -2.37
CA ILE B 339 -22.09 -16.42 -2.27
C ILE B 339 -22.15 -17.92 -2.02
N LYS B 340 -21.06 -18.61 -2.27
CA LYS B 340 -21.01 -20.06 -2.07
C LYS B 340 -20.32 -20.40 -0.75
N VAL B 341 -20.75 -21.51 -0.15
CA VAL B 341 -20.17 -22.01 1.07
C VAL B 341 -20.03 -23.52 0.92
N ASP B 342 -21.11 -24.17 0.54
CA ASP B 342 -21.13 -25.62 0.36
C ASP B 342 -19.98 -26.10 -0.53
N GLU B 343 -19.71 -25.35 -1.60
CA GLU B 343 -18.65 -25.69 -2.54
C GLU B 343 -17.27 -25.82 -1.89
N PHE B 344 -17.09 -25.21 -0.71
CA PHE B 344 -15.81 -25.26 -0.01
C PHE B 344 -15.60 -26.56 0.77
N VAL B 345 -16.70 -27.26 1.08
CA VAL B 345 -16.59 -28.50 1.85
C VAL B 345 -16.19 -29.67 0.97
N THR B 346 -14.97 -30.17 1.18
CA THR B 346 -14.46 -31.29 0.40
C THR B 346 -14.42 -32.59 1.20
N HIS B 347 -14.57 -32.50 2.51
CA HIS B 347 -14.55 -33.68 3.35
C HIS B 347 -15.34 -33.46 4.64
N ASN B 348 -15.85 -34.56 5.20
CA ASN B 348 -16.63 -34.53 6.43
C ASN B 348 -16.11 -35.62 7.37
N LEU B 349 -15.99 -35.30 8.66
CA LEU B 349 -15.48 -36.24 9.66
C LEU B 349 -16.17 -36.05 10.99
N SER B 350 -16.05 -37.04 11.86
CA SER B 350 -16.61 -36.99 13.20
C SER B 350 -15.54 -36.38 14.12
N PHE B 351 -15.97 -35.90 15.28
CA PHE B 351 -15.06 -35.27 16.23
C PHE B 351 -13.84 -36.12 16.59
N ASP B 352 -14.04 -37.43 16.79
CA ASP B 352 -12.92 -38.30 17.14
C ASP B 352 -11.84 -38.38 16.07
N GLU B 353 -12.22 -38.11 14.82
CA GLU B 353 -11.26 -38.16 13.72
C GLU B 353 -10.76 -36.76 13.36
N ILE B 354 -10.83 -35.82 14.29
CA ILE B 354 -10.40 -34.45 13.99
C ILE B 354 -8.97 -34.38 13.46
N ASN B 355 -8.09 -35.27 13.92
CA ASN B 355 -6.71 -35.24 13.45
C ASN B 355 -6.58 -35.46 11.94
N LYS B 356 -7.49 -36.24 11.37
CA LYS B 356 -7.44 -36.49 9.93
C LYS B 356 -7.69 -35.19 9.16
N ALA B 357 -8.41 -34.26 9.76
CA ALA B 357 -8.67 -32.98 9.11
C ALA B 357 -7.33 -32.27 8.93
N PHE B 358 -6.47 -32.40 9.93
CA PHE B 358 -5.13 -31.80 9.88
C PHE B 358 -4.29 -32.50 8.82
N GLU B 359 -4.41 -33.84 8.78
CA GLU B 359 -3.67 -34.64 7.81
C GLU B 359 -4.12 -34.30 6.39
N LEU B 360 -5.42 -34.21 6.18
CA LEU B 360 -5.96 -33.89 4.86
C LEU B 360 -5.49 -32.52 4.41
N MET B 361 -5.24 -31.64 5.37
CA MET B 361 -4.77 -30.30 5.04
C MET B 361 -3.33 -30.35 4.54
N HIS B 362 -2.46 -31.02 5.29
CA HIS B 362 -1.06 -31.13 4.91
C HIS B 362 -0.91 -31.81 3.55
N SER B 363 -1.73 -32.83 3.29
CA SER B 363 -1.65 -33.62 2.05
C SER B 363 -2.18 -32.74 0.98
N GLY B 364 -2.77 -31.69 1.44
CA GLY B 364 -3.32 -30.76 0.50
C GLY B 364 -4.36 -31.42 -0.37
N LYS B 365 -4.97 -32.54 0.06
CA LYS B 365 -6.03 -33.17 -0.73
C LYS B 365 -7.36 -32.39 -0.66
N SER B 366 -7.60 -31.65 0.41
CA SER B 366 -8.87 -30.93 0.59
C SER B 366 -8.83 -29.40 0.62
N ILE B 367 -10.01 -28.78 0.64
CA ILE B 367 -10.11 -27.33 0.74
C ILE B 367 -10.50 -27.11 2.20
N ARG B 368 -11.59 -27.74 2.62
CA ARG B 368 -12.07 -27.64 3.98
C ARG B 368 -12.73 -28.93 4.42
N THR B 369 -12.39 -29.38 5.62
CA THR B 369 -12.95 -30.58 6.19
C THR B 369 -13.83 -30.14 7.35
N VAL B 370 -15.12 -30.39 7.27
CA VAL B 370 -16.03 -30.02 8.35
C VAL B 370 -16.12 -31.14 9.36
N VAL B 371 -15.86 -30.80 10.62
CA VAL B 371 -15.91 -31.78 11.69
C VAL B 371 -17.23 -31.68 12.43
N LYS B 372 -17.95 -32.79 12.46
CA LYS B 372 -19.22 -32.86 13.16
C LYS B 372 -18.93 -33.16 14.63
N ILE B 373 -19.26 -32.22 15.51
CA ILE B 373 -19.03 -32.41 16.94
C ILE B 373 -19.89 -33.54 17.48
ZN ZN C . -0.12 9.41 -22.24
ZN ZN D . 12.86 16.82 -8.99
K K E . -7.59 8.87 2.05
P PO4 F . -6.87 3.52 -0.90
O1 PO4 F . -6.16 3.61 0.41
O2 PO4 F . -8.14 2.76 -0.72
O3 PO4 F . -7.17 4.89 -1.39
O4 PO4 F . -6.00 2.82 -1.89
P PO4 G . -3.83 33.21 -25.67
O1 PO4 G . -3.15 33.71 -26.89
O2 PO4 G . -5.01 32.39 -26.06
O3 PO4 G . -2.88 32.38 -24.88
O4 PO4 G . -4.28 34.37 -24.85
P PO4 H . 14.49 18.47 -2.09
O1 PO4 H . 13.05 18.75 -1.82
O2 PO4 H . 14.62 17.71 -3.36
O3 PO4 H . 15.22 19.77 -2.20
O4 PO4 H . 15.05 17.69 -0.96
C1 12H I . 12.09 14.47 -9.54
C2 12H I . 12.18 13.15 -8.80
C3 12H I . 13.07 12.15 -9.53
C4 12H I . 12.32 11.26 -10.51
C5 12H I . 11.27 10.41 -9.80
C6 12H I . 9.97 10.36 -10.59
C7 12H I . 9.40 8.95 -10.64
C8 12H I . 9.83 8.18 -11.87
C9 12H I . 8.68 7.40 -12.52
C10 12H I . 8.54 7.89 -13.94
C11 12H I . 7.29 7.52 -14.73
C12 12H I . 7.60 6.29 -15.57
O13 12H I . 13.38 15.00 -9.75
O14 12H I . 6.56 5.96 -16.33
O15 12H I . 8.80 5.63 -15.57
ZN ZN J . -13.84 -2.68 19.64
ZN ZN K . -8.12 -18.91 10.13
K K L . -10.69 -0.03 -5.69
C1 12H M . -6.44 -16.66 9.42
C2 12H M . -6.58 -15.80 10.67
C3 12H M . -5.30 -15.71 11.52
C4 12H M . -4.14 -15.07 10.77
C5 12H M . -3.80 -13.65 11.25
C6 12H M . -4.96 -12.67 11.08
C7 12H M . -4.63 -11.28 11.59
C8 12H M . -5.70 -10.78 12.54
C9 12H M . -5.20 -10.63 13.97
C10 12H M . -5.80 -9.40 14.64
C11 12H M . -4.74 -8.64 15.40
C12 12H M . -5.33 -7.54 16.27
O13 12H M . -6.40 -18.02 9.77
O14 12H M . -4.34 -6.90 16.88
O15 12H M . -6.65 -7.23 16.39
#